data_5XSM
#
_entry.id   5XSM
#
_cell.length_a   100.946
_cell.length_b   184.259
_cell.length_c   98.793
_cell.angle_alpha   90.00
_cell.angle_beta   90.00
_cell.angle_gamma   90.00
#
_symmetry.space_group_name_H-M   'C 2 2 21'
#
loop_
_entity.id
_entity.type
_entity.pdbx_description
1 polymer Transketolase
2 non-polymer 'CALCIUM ION'
3 non-polymer DI(HYDROXYETHYL)ETHER
4 non-polymer '2-[(5S)-3-[(4-azanyl-2-methyl-pyrimidin-5-yl)methyl]-4-methyl-2,5-dihydro-1,3-thiazol-3-ium-5-yl]ethyl phosphono hydrogen phosphate'
5 water water
#
_entity_poly.entity_id   1
_entity_poly.type   'polypeptide(L)'
_entity_poly.pdbx_seq_one_letter_code
;MGSSHHHHHHSSGLVPRGSHMSSVDQKAISTIRLLAVDAVAAANSGHPGAPLGLAPAAHAVFKKMRFNPKDTKWINRDRF
VLSNGHACALLYSMLVLYGYDLTVEDLKKFRQLGSKTPGHPENTDVPGAEVTTGPLGQGICNGVGIALAQAQFAATYNKP
DFPISDSYTYVFLGDGCLMEGVSSEASSLAGHLQLGNLIAFWDDNKISIDGSTEVAFTEDVIARYKSYGWHIVEVSDADT
DITAIAAAIDEAKKVTNKPTLVRLTTTIGFGSLAQGTHGVHGAPLKADDIKQLKTKWGFNPEESFAVPAEVTASYNEHVA
ENQKIQQQWNELFAAYKQKYPELGAELQRRLDGKLPENWDKALPVYTPADAAVATRKLSEIVLSKIIPEVPEIIGGSADL
TPSNLTKAKGTVDFQPAATGLGDYSGRYIRYGVREHAMGAIMNGIAAFGANYKNYGGTFLNFVSYAAGAVRLSALSEFPI
TWVATHDSIGLGEDGPTHQPIETLAHFRATPNISVWRPADGNETSAAYKSAIESTHTPHILALTRQNLPQLEGSSIEKAS
KGGYTLVQQDKADIIIVATGSEVSLAVDALKVLEGQGIKAGVVSLPDQLTFDKQSEEYKLSVLPDGVPILSVEVMSTFGW
SKYSHQQFGLNRFGASGKAPEIFKLFEFTPEGVAERAAKTVAFYKGKDVVSPLRSAF
;
_entity_poly.pdbx_strand_id   A
#
# COMPACT_ATOMS: atom_id res chain seq x y z
N SER A 23 27.28 -31.79 -3.47
CA SER A 23 27.96 -30.63 -2.93
C SER A 23 27.12 -30.01 -1.82
N VAL A 24 27.69 -29.09 -1.05
CA VAL A 24 26.89 -28.41 -0.03
C VAL A 24 25.78 -27.58 -0.68
N ASP A 25 26.05 -26.95 -1.83
CA ASP A 25 25.02 -26.20 -2.51
C ASP A 25 23.86 -27.10 -2.94
N GLN A 26 24.18 -28.28 -3.48
CA GLN A 26 23.13 -29.22 -3.82
C GLN A 26 22.35 -29.64 -2.60
N LYS A 27 23.05 -29.91 -1.50
CA LYS A 27 22.38 -30.27 -0.26
C LYS A 27 21.49 -29.14 0.24
N ALA A 28 21.92 -27.89 0.12
CA ALA A 28 21.11 -26.76 0.55
C ALA A 28 19.83 -26.70 -0.27
N ILE A 29 19.94 -26.86 -1.59
CA ILE A 29 18.76 -26.82 -2.46
C ILE A 29 17.79 -27.91 -2.08
N SER A 30 18.30 -29.13 -1.84
CA SER A 30 17.43 -30.22 -1.41
C SER A 30 16.78 -29.90 -0.06
N THR A 31 17.55 -29.30 0.86
CA THR A 31 17.01 -28.94 2.16
C THR A 31 15.83 -27.99 2.02
N ILE A 32 16.02 -26.95 1.21
CA ILE A 32 14.97 -25.97 0.96
C ILE A 32 13.72 -26.66 0.41
N ARG A 33 13.92 -27.47 -0.62
CA ARG A 33 12.80 -28.18 -1.25
C ARG A 33 12.04 -29.01 -0.24
N LEU A 34 12.77 -29.75 0.57
CA LEU A 34 12.14 -30.70 1.48
C LEU A 34 11.53 -29.99 2.68
N LEU A 35 12.13 -28.89 3.17
CA LEU A 35 11.45 -28.10 4.20
C LEU A 35 10.11 -27.60 3.69
N ALA A 36 10.08 -27.11 2.46
CA ALA A 36 8.84 -26.58 1.91
C ALA A 36 7.78 -27.68 1.79
N VAL A 37 8.17 -28.83 1.26
CA VAL A 37 7.24 -29.93 1.07
C VAL A 37 6.75 -30.46 2.42
N ASP A 38 7.66 -30.54 3.40
CA ASP A 38 7.28 -31.02 4.72
C ASP A 38 6.35 -30.03 5.42
N ALA A 39 6.54 -28.72 5.20
CA ALA A 39 5.64 -27.73 5.78
C ALA A 39 4.23 -27.89 5.22
N VAL A 40 4.13 -28.00 3.89
CA VAL A 40 2.84 -28.24 3.24
C VAL A 40 2.22 -29.53 3.77
N ALA A 41 3.05 -30.57 3.94
CA ALA A 41 2.54 -31.86 4.40
C ALA A 41 1.96 -31.76 5.80
N ALA A 42 2.65 -31.05 6.68
CA ALA A 42 2.21 -30.91 8.07
C ALA A 42 0.90 -30.15 8.15
N ALA A 43 0.74 -29.14 7.31
CA ALA A 43 -0.50 -28.37 7.29
C ALA A 43 -1.62 -29.11 6.56
N ASN A 44 -1.25 -30.09 5.74
CA ASN A 44 -2.16 -30.68 4.78
C ASN A 44 -2.85 -29.60 3.95
N SER A 45 -2.10 -28.57 3.60
CA SER A 45 -2.61 -27.42 2.88
C SER A 45 -1.43 -26.66 2.33
N GLY A 46 -1.59 -26.10 1.15
CA GLY A 46 -0.60 -25.21 0.57
C GLY A 46 -0.02 -25.72 -0.72
N HIS A 47 1.08 -25.09 -1.12
CA HIS A 47 1.52 -25.06 -2.51
C HIS A 47 2.95 -25.55 -2.59
N PRO A 48 3.16 -26.80 -3.00
CA PRO A 48 4.54 -27.33 -3.06
C PRO A 48 5.22 -27.12 -4.40
N GLY A 49 4.47 -26.86 -5.47
CA GLY A 49 5.02 -26.92 -6.80
C GLY A 49 6.06 -25.85 -7.09
N ALA A 50 5.67 -24.60 -6.90
CA ALA A 50 6.60 -23.52 -7.18
C ALA A 50 7.78 -23.53 -6.21
N PRO A 51 7.61 -23.86 -4.93
CA PRO A 51 8.81 -24.00 -4.08
C PRO A 51 9.80 -25.03 -4.61
N LEU A 52 9.32 -26.18 -5.07
CA LEU A 52 10.20 -27.18 -5.64
C LEU A 52 10.94 -26.64 -6.87
N GLY A 53 10.22 -25.93 -7.73
CA GLY A 53 10.82 -25.42 -8.94
C GLY A 53 11.78 -24.26 -8.74
N LEU A 54 11.54 -23.46 -7.70
CA LEU A 54 12.30 -22.23 -7.50
C LEU A 54 13.39 -22.36 -6.45
N ALA A 55 13.54 -23.50 -5.80
CA ALA A 55 14.58 -23.63 -4.78
C ALA A 55 15.98 -23.33 -5.31
N PRO A 56 16.38 -23.81 -6.49
CA PRO A 56 17.73 -23.46 -6.97
C PRO A 56 17.90 -21.97 -7.11
N ALA A 57 16.92 -21.30 -7.70
CA ALA A 57 17.00 -19.86 -7.86
C ALA A 57 17.00 -19.14 -6.52
N ALA A 58 16.19 -19.58 -5.57
CA ALA A 58 16.19 -18.96 -4.25
C ALA A 58 17.55 -19.09 -3.59
N HIS A 59 18.12 -20.28 -3.66
CA HIS A 59 19.46 -20.47 -3.11
C HIS A 59 20.45 -19.50 -3.74
N ALA A 60 20.45 -19.43 -5.07
CA ALA A 60 21.41 -18.59 -5.76
C ALA A 60 21.21 -17.11 -5.46
N VAL A 61 19.96 -16.66 -5.44
CA VAL A 61 19.68 -15.25 -5.19
C VAL A 61 20.06 -14.87 -3.77
N PHE A 62 19.66 -15.68 -2.79
CA PHE A 62 19.99 -15.32 -1.40
C PHE A 62 21.49 -15.32 -1.18
N LYS A 63 22.25 -16.17 -1.87
CA LYS A 63 23.71 -16.13 -1.78
C LYS A 63 24.30 -14.83 -2.32
N LYS A 64 23.63 -14.19 -3.28
CA LYS A 64 24.07 -12.91 -3.81
C LYS A 64 23.59 -11.73 -2.98
N MET A 65 22.54 -11.91 -2.20
CA MET A 65 21.93 -10.81 -1.46
C MET A 65 22.73 -10.47 -0.20
N ARG A 66 22.70 -9.18 0.12
CA ARG A 66 23.21 -8.64 1.37
C ARG A 66 22.05 -8.36 2.30
N PHE A 67 22.06 -8.98 3.46
CA PHE A 67 20.98 -8.88 4.43
C PHE A 67 21.51 -9.32 5.79
N ASN A 68 20.84 -8.87 6.83
CA ASN A 68 21.17 -9.28 8.19
C ASN A 68 19.93 -9.87 8.82
N PRO A 69 19.89 -11.19 9.07
CA PRO A 69 18.72 -11.79 9.71
C PRO A 69 18.44 -11.22 11.08
N LYS A 70 19.44 -10.63 11.73
CA LYS A 70 19.32 -10.00 13.04
C LYS A 70 19.01 -8.52 12.95
N ASP A 71 18.95 -7.94 11.74
CA ASP A 71 18.53 -6.55 11.59
C ASP A 71 17.80 -6.44 10.26
N THR A 72 16.51 -6.75 10.32
CA THR A 72 15.68 -6.79 9.13
C THR A 72 15.44 -5.42 8.54
N LYS A 73 15.82 -4.35 9.23
CA LYS A 73 15.55 -2.99 8.78
C LYS A 73 16.81 -2.26 8.30
N TRP A 74 17.95 -2.93 8.19
CA TRP A 74 19.16 -2.29 7.66
C TRP A 74 18.83 -1.62 6.33
N ILE A 75 19.03 -0.32 6.23
CA ILE A 75 18.46 0.41 5.11
C ILE A 75 19.15 0.11 3.78
N ASN A 76 20.39 -0.40 3.83
CA ASN A 76 21.12 -0.75 2.62
C ASN A 76 21.08 -2.24 2.31
N ARG A 77 20.15 -2.98 2.91
CA ARG A 77 19.98 -4.38 2.55
C ARG A 77 19.46 -4.49 1.12
N ASP A 78 19.83 -5.57 0.44
CA ASP A 78 19.06 -5.95 -0.72
C ASP A 78 17.67 -6.42 -0.26
N ARG A 79 16.65 -6.15 -1.06
CA ARG A 79 15.30 -6.60 -0.76
C ARG A 79 14.94 -7.76 -1.67
N PHE A 80 14.19 -8.71 -1.13
CA PHE A 80 13.61 -9.81 -1.87
C PHE A 80 12.09 -9.74 -1.73
N VAL A 81 11.39 -9.95 -2.84
CA VAL A 81 9.94 -10.00 -2.86
C VAL A 81 9.48 -11.26 -3.58
N LEU A 82 8.65 -12.05 -2.90
CA LEU A 82 8.01 -13.22 -3.49
C LEU A 82 6.63 -12.79 -4.01
N SER A 83 6.56 -12.40 -5.29
CA SER A 83 5.30 -11.94 -5.84
C SER A 83 4.30 -13.09 -6.01
N ASN A 84 4.80 -14.28 -6.33
CA ASN A 84 3.99 -15.49 -6.35
C ASN A 84 3.87 -16.01 -4.92
N GLY A 85 3.09 -15.28 -4.12
CA GLY A 85 3.10 -15.46 -2.68
C GLY A 85 2.60 -16.81 -2.20
N HIS A 86 1.81 -17.51 -3.02
CA HIS A 86 1.41 -18.86 -2.67
C HIS A 86 2.61 -19.77 -2.47
N ALA A 87 3.75 -19.44 -3.05
CA ALA A 87 4.98 -20.20 -2.92
C ALA A 87 5.70 -19.92 -1.62
N CYS A 88 5.02 -19.33 -0.64
CA CYS A 88 5.68 -18.86 0.57
C CYS A 88 6.35 -19.94 1.40
N ALA A 89 6.01 -21.23 1.27
CA ALA A 89 6.80 -22.21 2.00
C ALA A 89 8.28 -22.11 1.60
N LEU A 90 8.56 -21.70 0.36
CA LEU A 90 9.92 -21.43 -0.08
C LEU A 90 10.56 -20.28 0.70
N LEU A 91 9.87 -19.14 0.75
CA LEU A 91 10.38 -17.99 1.49
C LEU A 91 10.62 -18.34 2.94
N TYR A 92 9.65 -18.98 3.59
CA TYR A 92 9.81 -19.29 4.99
C TYR A 92 10.99 -20.22 5.21
N SER A 93 11.20 -21.19 4.30
CA SER A 93 12.35 -22.07 4.42
C SER A 93 13.66 -21.29 4.34
N MET A 94 13.75 -20.33 3.42
CA MET A 94 14.96 -19.51 3.33
C MET A 94 15.20 -18.74 4.62
N LEU A 95 14.14 -18.12 5.15
CA LEU A 95 14.27 -17.31 6.35
C LEU A 95 14.70 -18.16 7.54
N VAL A 96 14.13 -19.36 7.66
CA VAL A 96 14.53 -20.28 8.72
C VAL A 96 16.00 -20.68 8.56
N LEU A 97 16.41 -21.06 7.34
CA LEU A 97 17.77 -21.53 7.15
C LEU A 97 18.79 -20.44 7.44
N TYR A 98 18.45 -19.19 7.15
CA TYR A 98 19.34 -18.07 7.40
C TYR A 98 19.25 -17.50 8.81
N GLY A 99 18.41 -18.05 9.68
CA GLY A 99 18.41 -17.61 11.05
C GLY A 99 17.73 -16.28 11.30
N TYR A 100 16.73 -15.95 10.47
CA TYR A 100 15.78 -14.93 10.85
C TYR A 100 15.02 -15.41 12.08
N ASP A 101 14.16 -14.54 12.62
CA ASP A 101 13.35 -14.85 13.80
C ASP A 101 12.15 -15.71 13.40
N LEU A 102 12.47 -16.88 12.87
CA LEU A 102 11.51 -17.84 12.32
C LEU A 102 12.26 -19.17 12.39
N THR A 103 11.61 -20.20 12.95
CA THR A 103 12.29 -21.45 13.23
C THR A 103 11.59 -22.61 12.54
N VAL A 104 12.24 -23.78 12.59
CA VAL A 104 11.61 -25.00 12.13
C VAL A 104 10.30 -25.23 12.87
N GLU A 105 10.23 -24.90 14.16
CA GLU A 105 8.97 -25.06 14.88
C GLU A 105 7.87 -24.20 14.28
N ASP A 106 8.22 -23.01 13.80
CA ASP A 106 7.24 -22.19 13.08
C ASP A 106 6.84 -22.85 11.75
N LEU A 107 7.79 -23.46 11.03
CA LEU A 107 7.43 -24.14 9.78
C LEU A 107 6.46 -25.27 10.02
N LYS A 108 6.61 -25.95 11.15
CA LYS A 108 5.69 -27.04 11.48
C LYS A 108 4.28 -26.53 11.70
N LYS A 109 4.12 -25.23 11.95
CA LYS A 109 2.85 -24.57 12.16
C LYS A 109 2.41 -23.77 10.93
N PHE A 110 2.96 -24.09 9.76
CA PHE A 110 2.54 -23.45 8.52
C PHE A 110 1.02 -23.54 8.40
N ARG A 111 0.40 -22.41 8.07
CA ARG A 111 -1.03 -22.36 7.79
C ARG A 111 -1.89 -22.70 9.00
N GLN A 112 -1.34 -22.65 10.21
CA GLN A 112 -2.09 -22.91 11.42
C GLN A 112 -2.42 -21.61 12.14
N LEU A 113 -3.62 -21.57 12.73
CA LEU A 113 -4.11 -20.34 13.31
C LEU A 113 -3.11 -19.76 14.30
N GLY A 114 -2.78 -18.49 14.11
CA GLY A 114 -1.90 -17.78 15.00
C GLY A 114 -0.42 -17.95 14.72
N SER A 115 -0.02 -18.71 13.71
CA SER A 115 1.39 -18.96 13.51
C SER A 115 2.09 -17.78 12.82
N LYS A 116 3.41 -17.83 12.85
CA LYS A 116 4.26 -16.88 12.13
C LYS A 116 4.50 -17.29 10.69
N THR A 117 3.79 -18.33 10.23
CA THR A 117 3.94 -18.88 8.89
C THR A 117 2.57 -18.99 8.23
N PRO A 118 1.91 -17.86 8.00
CA PRO A 118 0.59 -17.89 7.35
C PRO A 118 0.69 -18.35 5.91
N GLY A 119 -0.48 -18.73 5.37
CA GLY A 119 -0.54 -19.30 4.03
C GLY A 119 -0.12 -18.41 2.90
N HIS A 120 -0.09 -17.10 3.10
CA HIS A 120 0.56 -16.14 2.20
C HIS A 120 1.35 -15.18 3.08
N PRO A 121 2.47 -14.65 2.60
CA PRO A 121 3.33 -13.88 3.49
C PRO A 121 2.74 -12.54 3.83
N GLU A 122 2.86 -12.17 5.11
CA GLU A 122 2.35 -10.92 5.66
C GLU A 122 3.50 -10.19 6.30
N ASN A 123 3.78 -8.96 5.85
CA ASN A 123 4.89 -8.21 6.42
C ASN A 123 4.70 -7.89 7.89
N THR A 124 3.46 -7.78 8.37
CA THR A 124 3.26 -7.48 9.78
C THR A 124 3.59 -8.66 10.68
N ASP A 125 3.57 -9.89 10.15
CA ASP A 125 3.66 -11.11 10.95
C ASP A 125 4.96 -11.88 10.74
N VAL A 126 5.60 -11.74 9.58
CA VAL A 126 6.70 -12.61 9.18
C VAL A 126 7.98 -11.80 9.11
N PRO A 127 8.97 -12.06 9.97
CA PRO A 127 10.25 -11.37 9.86
CA PRO A 127 10.25 -11.35 9.86
C PRO A 127 10.92 -11.71 8.54
N GLY A 128 11.35 -10.68 7.79
CA GLY A 128 11.95 -10.90 6.49
C GLY A 128 10.98 -10.88 5.32
N ALA A 129 9.68 -10.73 5.58
CA ALA A 129 8.71 -10.49 4.51
C ALA A 129 8.58 -8.99 4.33
N GLU A 130 9.05 -8.47 3.19
CA GLU A 130 9.08 -7.03 3.00
C GLU A 130 7.70 -6.44 2.79
N VAL A 131 6.82 -7.21 2.17
CA VAL A 131 5.49 -6.81 1.75
C VAL A 131 4.57 -8.01 1.94
N THR A 132 3.27 -7.76 1.77
CA THR A 132 2.26 -8.80 1.86
C THR A 132 1.87 -9.19 0.45
N THR A 133 2.08 -10.45 0.11
CA THR A 133 1.80 -10.92 -1.24
C THR A 133 0.85 -12.11 -1.16
N GLY A 134 0.47 -12.62 -2.33
CA GLY A 134 -0.61 -13.59 -2.41
C GLY A 134 -1.62 -13.20 -3.47
N PRO A 135 -2.15 -11.98 -3.40
CA PRO A 135 -2.92 -11.45 -4.53
C PRO A 135 -1.95 -11.21 -5.69
N LEU A 136 -2.18 -11.92 -6.78
CA LEU A 136 -1.19 -11.99 -7.84
C LEU A 136 -0.98 -10.62 -8.48
N GLY A 137 0.26 -10.42 -8.92
CA GLY A 137 0.66 -9.19 -9.56
C GLY A 137 1.19 -8.13 -8.62
N GLN A 138 0.83 -8.20 -7.34
CA GLN A 138 1.17 -7.10 -6.44
C GLN A 138 2.66 -7.02 -6.16
N GLY A 139 3.28 -8.16 -5.88
CA GLY A 139 4.67 -8.14 -5.42
C GLY A 139 5.64 -7.55 -6.41
N ILE A 140 5.48 -7.86 -7.70
CA ILE A 140 6.38 -7.25 -8.67
C ILE A 140 6.23 -5.74 -8.67
N CYS A 141 4.99 -5.24 -8.55
CA CYS A 141 4.79 -3.80 -8.48
C CYS A 141 5.37 -3.22 -7.20
N ASN A 142 5.24 -3.94 -6.09
CA ASN A 142 5.89 -3.51 -4.87
C ASN A 142 7.40 -3.43 -5.07
N GLY A 143 7.97 -4.40 -5.78
CA GLY A 143 9.38 -4.35 -6.10
C GLY A 143 9.77 -3.15 -6.92
N VAL A 144 8.94 -2.79 -7.90
CA VAL A 144 9.15 -1.54 -8.62
C VAL A 144 9.21 -0.37 -7.65
N GLY A 145 8.29 -0.31 -6.69
CA GLY A 145 8.31 0.78 -5.73
C GLY A 145 9.51 0.76 -4.80
N ILE A 146 9.92 -0.41 -4.34
CA ILE A 146 11.14 -0.50 -3.53
C ILE A 146 12.33 0.03 -4.33
N ALA A 147 12.41 -0.35 -5.60
CA ALA A 147 13.51 0.08 -6.45
C ALA A 147 13.42 1.58 -6.76
N LEU A 148 12.21 2.10 -6.95
CA LEU A 148 12.03 3.53 -7.17
C LEU A 148 12.52 4.30 -5.95
N ALA A 149 12.06 3.88 -4.78
CA ALA A 149 12.50 4.50 -3.54
C ALA A 149 14.01 4.42 -3.38
N GLN A 150 14.61 3.26 -3.67
CA GLN A 150 16.06 3.16 -3.51
C GLN A 150 16.77 4.15 -4.42
N ALA A 151 16.29 4.31 -5.65
CA ALA A 151 16.93 5.24 -6.56
C ALA A 151 16.79 6.67 -6.07
N GLN A 152 15.61 7.03 -5.57
CA GLN A 152 15.37 8.37 -5.06
C GLN A 152 16.22 8.63 -3.82
N PHE A 153 16.29 7.64 -2.96
CA PHE A 153 17.04 7.73 -1.71
C PHE A 153 18.53 7.89 -1.99
N ALA A 154 19.06 7.05 -2.89
CA ALA A 154 20.47 7.15 -3.26
C ALA A 154 20.78 8.49 -3.89
N ALA A 155 19.89 8.98 -4.77
CA ALA A 155 20.13 10.27 -5.39
C ALA A 155 20.12 11.39 -4.36
N THR A 156 19.33 11.24 -3.31
CA THR A 156 19.22 12.26 -2.27
C THR A 156 20.45 12.27 -1.35
N TYR A 157 20.97 11.09 -0.99
CA TYR A 157 21.99 11.01 0.05
C TYR A 157 23.38 10.64 -0.43
N ASN A 158 23.55 9.86 -1.50
CA ASN A 158 24.90 9.41 -1.80
C ASN A 158 25.78 10.59 -2.19
N LYS A 159 27.06 10.46 -1.85
CA LYS A 159 28.08 11.46 -2.14
C LYS A 159 29.33 10.73 -2.61
N PRO A 160 30.30 11.43 -3.18
CA PRO A 160 31.56 10.76 -3.55
C PRO A 160 32.17 10.09 -2.32
N ASP A 161 32.58 8.83 -2.49
CA ASP A 161 33.13 7.99 -1.42
C ASP A 161 32.10 7.59 -0.38
N PHE A 162 30.82 7.91 -0.59
CA PHE A 162 29.75 7.61 0.37
C PHE A 162 28.57 6.98 -0.33
N PRO A 163 28.69 5.69 -0.71
CA PRO A 163 27.55 4.94 -1.27
C PRO A 163 26.63 4.49 -0.15
N ILE A 164 25.90 5.46 0.39
CA ILE A 164 24.97 5.20 1.49
C ILE A 164 23.92 4.18 1.05
N SER A 165 23.45 4.28 -0.20
CA SER A 165 22.44 3.38 -0.71
C SER A 165 22.87 2.85 -2.07
N ASP A 166 23.01 1.53 -2.17
CA ASP A 166 23.43 0.92 -3.42
C ASP A 166 22.83 -0.47 -3.58
N SER A 167 21.69 -0.69 -2.95
CA SER A 167 21.08 -2.01 -2.86
C SER A 167 20.21 -2.33 -4.06
N TYR A 168 19.97 -3.62 -4.20
CA TYR A 168 19.18 -4.19 -5.28
C TYR A 168 17.82 -4.67 -4.77
N THR A 169 16.92 -4.87 -5.71
CA THR A 169 15.58 -5.38 -5.44
C THR A 169 15.40 -6.60 -6.31
N TYR A 170 15.23 -7.76 -5.67
CA TYR A 170 15.10 -9.04 -6.34
C TYR A 170 13.65 -9.49 -6.17
N VAL A 171 13.00 -9.86 -7.27
CA VAL A 171 11.59 -10.26 -7.23
C VAL A 171 11.42 -11.59 -7.93
N PHE A 172 10.73 -12.53 -7.29
CA PHE A 172 10.27 -13.75 -7.96
C PHE A 172 8.81 -13.58 -8.34
N LEU A 173 8.45 -14.02 -9.54
CA LEU A 173 7.08 -13.92 -10.00
C LEU A 173 6.80 -15.09 -10.93
N GLY A 174 5.52 -15.41 -11.06
CA GLY A 174 5.10 -16.49 -11.93
C GLY A 174 4.20 -16.03 -13.06
N ASP A 175 3.66 -17.04 -13.75
CA ASP A 175 2.79 -16.77 -14.89
C ASP A 175 1.57 -15.95 -14.46
N GLY A 176 1.02 -16.25 -13.29
CA GLY A 176 -0.16 -15.52 -12.84
C GLY A 176 0.10 -14.04 -12.66
N CYS A 177 1.25 -13.71 -12.07
CA CYS A 177 1.61 -12.30 -11.94
C CYS A 177 1.73 -11.64 -13.30
N LEU A 178 2.29 -12.34 -14.29
CA LEU A 178 2.47 -11.81 -15.63
C LEU A 178 1.16 -11.64 -16.40
N MET A 179 0.11 -12.37 -16.02
CA MET A 179 -1.20 -12.19 -16.63
C MET A 179 -1.96 -11.03 -16.05
N GLU A 180 -1.71 -10.69 -14.78
CA GLU A 180 -2.44 -9.61 -14.12
C GLU A 180 -2.03 -8.27 -14.70
N GLY A 181 -3.00 -7.44 -15.08
CA GLY A 181 -2.69 -6.19 -15.71
C GLY A 181 -1.84 -5.26 -14.86
N VAL A 182 -1.98 -5.32 -13.55
CA VAL A 182 -1.21 -4.43 -12.69
C VAL A 182 0.29 -4.59 -12.94
N SER A 183 0.76 -5.82 -13.21
CA SER A 183 2.17 -6.01 -13.46
C SER A 183 2.62 -5.42 -14.78
N SER A 184 1.74 -5.40 -15.78
CA SER A 184 2.06 -4.74 -17.04
C SER A 184 2.24 -3.25 -16.84
N GLU A 185 1.32 -2.64 -16.08
CA GLU A 185 1.43 -1.22 -15.77
C GLU A 185 2.78 -0.93 -15.12
N ALA A 186 3.10 -1.68 -14.07
CA ALA A 186 4.32 -1.38 -13.32
C ALA A 186 5.56 -1.68 -14.14
N SER A 187 5.50 -2.69 -15.00
CA SER A 187 6.65 -3.06 -15.80
C SER A 187 6.90 -2.03 -16.91
N SER A 188 5.84 -1.51 -17.52
CA SER A 188 5.99 -0.42 -18.46
C SER A 188 6.66 0.77 -17.78
N LEU A 189 6.15 1.14 -16.61
CA LEU A 189 6.69 2.28 -15.90
C LEU A 189 8.13 2.05 -15.45
N ALA A 190 8.45 0.85 -14.93
CA ALA A 190 9.80 0.56 -14.48
C ALA A 190 10.80 0.64 -15.63
N GLY A 191 10.40 0.16 -16.80
CA GLY A 191 11.25 0.29 -17.97
C GLY A 191 11.46 1.73 -18.34
N HIS A 192 10.39 2.52 -18.35
CA HIS A 192 10.51 3.94 -18.61
C HIS A 192 11.48 4.60 -17.63
N LEU A 193 11.40 4.23 -16.36
CA LEU A 193 12.19 4.83 -15.31
C LEU A 193 13.61 4.27 -15.23
N GLN A 194 13.95 3.32 -16.09
CA GLN A 194 15.34 2.83 -16.22
C GLN A 194 15.87 2.30 -14.90
N LEU A 195 15.04 1.53 -14.19
CA LEU A 195 15.35 1.09 -12.82
C LEU A 195 16.30 -0.11 -12.84
N GLY A 196 17.59 0.20 -13.01
CA GLY A 196 18.60 -0.83 -13.18
C GLY A 196 18.93 -1.64 -11.96
N ASN A 197 18.46 -1.26 -10.77
CA ASN A 197 18.71 -2.09 -9.60
C ASN A 197 17.57 -3.06 -9.32
N LEU A 198 16.58 -3.13 -10.21
CA LEU A 198 15.51 -4.11 -10.15
C LEU A 198 15.88 -5.31 -11.01
N ILE A 199 15.82 -6.49 -10.39
CA ILE A 199 16.11 -7.77 -11.04
C ILE A 199 14.96 -8.70 -10.69
N ALA A 200 14.15 -9.03 -11.69
CA ALA A 200 13.01 -9.90 -11.51
C ALA A 200 13.29 -11.24 -12.18
N PHE A 201 12.68 -12.30 -11.63
CA PHE A 201 12.89 -13.66 -12.08
C PHE A 201 11.52 -14.26 -12.34
N TRP A 202 11.29 -14.64 -13.59
CA TRP A 202 10.04 -15.28 -14.01
C TRP A 202 10.20 -16.78 -13.89
N ASP A 203 9.33 -17.40 -13.09
CA ASP A 203 9.23 -18.85 -12.99
C ASP A 203 8.48 -19.37 -14.21
N ASP A 204 9.25 -19.66 -15.26
CA ASP A 204 8.68 -20.08 -16.53
C ASP A 204 8.49 -21.59 -16.51
N ASN A 205 7.37 -22.01 -15.90
CA ASN A 205 7.08 -23.43 -15.72
C ASN A 205 5.88 -23.88 -16.53
N LYS A 206 5.23 -22.98 -17.26
CA LYS A 206 4.17 -23.30 -18.22
C LYS A 206 2.95 -23.97 -17.60
N ILE A 207 2.73 -23.78 -16.31
CA ILE A 207 1.61 -24.42 -15.61
C ILE A 207 0.96 -23.40 -14.68
N SER A 208 -0.36 -23.29 -14.77
CA SER A 208 -1.13 -22.52 -13.80
C SER A 208 -2.26 -23.41 -13.29
N ILE A 209 -3.24 -22.85 -12.58
CA ILE A 209 -4.27 -23.70 -11.98
C ILE A 209 -5.09 -24.42 -13.05
N ASP A 210 -5.41 -23.72 -14.14
CA ASP A 210 -6.23 -24.31 -15.20
C ASP A 210 -5.43 -25.23 -16.12
N GLY A 211 -4.17 -25.48 -15.82
CA GLY A 211 -3.38 -26.41 -16.60
C GLY A 211 -2.27 -25.72 -17.35
N SER A 212 -2.00 -26.21 -18.55
CA SER A 212 -0.96 -25.60 -19.36
C SER A 212 -1.24 -24.13 -19.63
N THR A 213 -0.18 -23.32 -19.66
CA THR A 213 -0.35 -21.95 -20.12
C THR A 213 -0.75 -21.88 -21.58
N GLU A 214 -0.66 -22.97 -22.34
CA GLU A 214 -1.14 -22.96 -23.70
C GLU A 214 -2.63 -22.65 -23.78
N VAL A 215 -3.39 -22.85 -22.70
CA VAL A 215 -4.83 -22.64 -22.77
C VAL A 215 -5.21 -21.17 -22.70
N ALA A 216 -4.35 -20.27 -22.21
CA ALA A 216 -4.75 -18.91 -21.98
C ALA A 216 -3.62 -17.89 -22.04
N PHE A 217 -2.37 -18.32 -22.16
CA PHE A 217 -1.23 -17.42 -21.94
C PHE A 217 -0.10 -17.82 -22.90
N THR A 218 -0.31 -17.46 -24.16
CA THR A 218 0.58 -17.84 -25.25
C THR A 218 1.37 -16.66 -25.81
N GLU A 219 1.25 -15.48 -25.21
CA GLU A 219 2.02 -14.33 -25.62
C GLU A 219 3.52 -14.60 -25.48
N ASP A 220 4.29 -13.82 -26.23
CA ASP A 220 5.75 -13.84 -26.14
C ASP A 220 6.14 -12.86 -25.03
N VAL A 221 6.24 -13.37 -23.81
CA VAL A 221 6.55 -12.56 -22.62
C VAL A 221 7.85 -11.81 -22.81
N ILE A 222 8.87 -12.49 -23.31
CA ILE A 222 10.18 -11.87 -23.44
C ILE A 222 10.12 -10.71 -24.41
N ALA A 223 9.44 -10.89 -25.54
CA ALA A 223 9.28 -9.80 -26.49
C ALA A 223 8.52 -8.63 -25.86
N ARG A 224 7.51 -8.91 -25.02
CA ARG A 224 6.80 -7.85 -24.35
C ARG A 224 7.73 -7.09 -23.41
N TYR A 225 8.53 -7.80 -22.62
CA TYR A 225 9.42 -7.11 -21.69
C TYR A 225 10.49 -6.31 -22.43
N LYS A 226 10.96 -6.79 -23.58
CA LYS A 226 11.86 -5.96 -24.37
C LYS A 226 11.15 -4.68 -24.82
N SER A 227 9.85 -4.77 -25.15
CA SER A 227 9.13 -3.59 -25.60
C SER A 227 9.01 -2.53 -24.51
N TYR A 228 9.05 -2.94 -23.24
CA TYR A 228 9.04 -2.01 -22.12
C TYR A 228 10.41 -1.42 -21.84
N GLY A 229 11.46 -1.89 -22.49
CA GLY A 229 12.80 -1.42 -22.19
C GLY A 229 13.51 -2.19 -21.11
N TRP A 230 13.11 -3.42 -20.82
CA TRP A 230 13.84 -4.27 -19.90
C TRP A 230 14.96 -5.02 -20.61
N HIS A 231 15.99 -5.34 -19.84
CA HIS A 231 17.02 -6.28 -20.24
C HIS A 231 16.53 -7.69 -19.92
N ILE A 232 16.94 -8.67 -20.73
CA ILE A 232 16.53 -10.05 -20.56
C ILE A 232 17.75 -10.94 -20.39
N VAL A 233 17.67 -11.87 -19.46
CA VAL A 233 18.61 -13.01 -19.40
C VAL A 233 17.77 -14.26 -19.35
N GLU A 234 18.09 -15.26 -20.18
CA GLU A 234 17.36 -16.52 -20.16
C GLU A 234 18.23 -17.62 -19.58
N VAL A 235 17.68 -18.36 -18.62
CA VAL A 235 18.32 -19.51 -18.01
C VAL A 235 17.51 -20.74 -18.40
N SER A 236 18.04 -21.52 -19.33
CA SER A 236 17.23 -22.59 -19.93
C SER A 236 17.07 -23.79 -19.01
N ASP A 237 17.99 -24.01 -18.08
CA ASP A 237 17.85 -25.15 -17.16
C ASP A 237 17.94 -24.67 -15.72
N ALA A 238 16.91 -23.97 -15.30
CA ALA A 238 16.91 -23.42 -13.96
C ALA A 238 16.52 -24.44 -12.91
N ASP A 239 16.23 -25.69 -13.30
CA ASP A 239 16.07 -26.75 -12.31
C ASP A 239 17.38 -27.13 -11.65
N THR A 240 18.52 -26.87 -12.30
CA THR A 240 19.82 -27.27 -11.80
C THR A 240 20.90 -26.20 -11.93
N ASP A 241 20.82 -25.28 -12.89
CA ASP A 241 21.98 -24.48 -13.28
C ASP A 241 22.11 -23.21 -12.45
N ILE A 242 22.53 -23.39 -11.19
CA ILE A 242 22.73 -22.25 -10.31
C ILE A 242 23.90 -21.40 -10.75
N THR A 243 24.87 -21.98 -11.47
CA THR A 243 25.95 -21.16 -12.01
C THR A 243 25.39 -20.13 -12.98
N ALA A 244 24.46 -20.55 -13.84
CA ALA A 244 23.86 -19.63 -14.79
C ALA A 244 22.94 -18.62 -14.11
N ILE A 245 22.26 -19.01 -13.02
CA ILE A 245 21.43 -18.05 -12.31
C ILE A 245 22.30 -16.96 -11.68
N ALA A 246 23.39 -17.37 -11.03
CA ALA A 246 24.32 -16.40 -10.47
C ALA A 246 24.89 -15.50 -11.56
N ALA A 247 25.25 -16.08 -12.71
CA ALA A 247 25.79 -15.29 -13.80
C ALA A 247 24.75 -14.30 -14.33
N ALA A 248 23.47 -14.70 -14.33
CA ALA A 248 22.41 -13.80 -14.78
C ALA A 248 22.31 -12.59 -13.87
N ILE A 249 22.49 -12.79 -12.57
CA ILE A 249 22.50 -11.68 -11.63
C ILE A 249 23.67 -10.76 -11.92
N ASP A 250 24.85 -11.34 -12.11
CA ASP A 250 26.02 -10.52 -12.43
C ASP A 250 25.78 -9.71 -13.69
N GLU A 251 25.18 -10.34 -14.71
CA GLU A 251 24.90 -9.65 -15.97
C GLU A 251 23.91 -8.51 -15.73
N ALA A 252 22.85 -8.79 -14.97
CA ALA A 252 21.86 -7.77 -14.67
C ALA A 252 22.49 -6.57 -13.98
N LYS A 253 23.44 -6.82 -13.07
CA LYS A 253 24.06 -5.72 -12.36
C LYS A 253 24.91 -4.84 -13.27
N LYS A 254 25.38 -5.37 -14.39
CA LYS A 254 26.12 -4.54 -15.33
C LYS A 254 25.23 -3.62 -16.14
N VAL A 255 23.94 -3.92 -16.25
CA VAL A 255 23.01 -3.13 -17.05
C VAL A 255 22.35 -2.13 -16.10
N THR A 256 22.94 -0.95 -15.98
CA THR A 256 22.54 -0.04 -14.92
C THR A 256 21.34 0.83 -15.29
N ASN A 257 20.91 0.80 -16.55
CA ASN A 257 19.84 1.67 -17.02
C ASN A 257 18.62 0.90 -17.49
N LYS A 258 18.50 -0.37 -17.13
CA LYS A 258 17.30 -1.14 -17.45
C LYS A 258 17.02 -2.09 -16.32
N PRO A 259 15.76 -2.25 -15.91
CA PRO A 259 15.42 -3.39 -15.06
C PRO A 259 15.62 -4.66 -15.88
N THR A 260 15.92 -5.77 -15.19
CA THR A 260 16.19 -7.04 -15.86
C THR A 260 15.14 -8.08 -15.49
N LEU A 261 14.68 -8.81 -16.50
CA LEU A 261 13.87 -10.00 -16.31
C LEU A 261 14.72 -11.22 -16.63
N VAL A 262 14.87 -12.10 -15.65
CA VAL A 262 15.56 -13.37 -15.80
C VAL A 262 14.50 -14.45 -15.99
N ARG A 263 14.51 -15.08 -17.17
CA ARG A 263 13.59 -16.17 -17.46
C ARG A 263 14.17 -17.45 -16.90
N LEU A 264 13.53 -17.99 -15.87
CA LEU A 264 13.97 -19.24 -15.25
C LEU A 264 13.09 -20.36 -15.80
N THR A 265 13.59 -21.15 -16.73
CA THR A 265 12.80 -22.25 -17.23
C THR A 265 12.92 -23.41 -16.23
N THR A 266 11.82 -23.69 -15.55
CA THR A 266 11.77 -24.66 -14.47
C THR A 266 10.68 -25.67 -14.75
N THR A 267 10.74 -26.76 -13.98
CA THR A 267 9.67 -27.74 -13.91
C THR A 267 8.93 -27.52 -12.60
N ILE A 268 7.63 -27.21 -12.69
CA ILE A 268 6.87 -27.05 -11.46
C ILE A 268 6.92 -28.38 -10.70
N GLY A 269 7.12 -28.30 -9.39
CA GLY A 269 7.19 -29.53 -8.64
C GLY A 269 8.39 -30.39 -8.92
N PHE A 270 9.48 -29.81 -9.42
CA PHE A 270 10.67 -30.57 -9.79
C PHE A 270 11.00 -31.62 -8.75
N GLY A 271 11.13 -32.86 -9.23
CA GLY A 271 11.47 -33.99 -8.41
C GLY A 271 10.28 -34.85 -8.02
N SER A 272 9.11 -34.25 -7.90
CA SER A 272 7.90 -34.98 -7.56
C SER A 272 7.55 -35.94 -8.68
N LEU A 273 6.89 -37.03 -8.29
CA LEU A 273 6.25 -37.91 -9.28
C LEU A 273 5.29 -37.13 -10.17
N ALA A 274 4.70 -36.08 -9.61
CA ALA A 274 3.70 -35.23 -10.27
C ALA A 274 4.31 -33.95 -10.82
N GLN A 275 5.63 -33.89 -10.96
CA GLN A 275 6.24 -32.69 -11.50
C GLN A 275 5.67 -32.38 -12.89
N GLY A 276 5.59 -31.09 -13.21
CA GLY A 276 5.13 -30.70 -14.52
C GLY A 276 3.64 -30.82 -14.74
N THR A 277 2.86 -30.86 -13.66
CA THR A 277 1.42 -30.99 -13.74
C THR A 277 0.75 -29.94 -12.87
N HIS A 278 -0.49 -29.59 -13.21
CA HIS A 278 -1.22 -28.63 -12.38
C HIS A 278 -1.51 -29.18 -10.99
N GLY A 279 -1.57 -30.49 -10.84
CA GLY A 279 -1.87 -31.06 -9.54
C GLY A 279 -0.84 -30.78 -8.48
N VAL A 280 0.40 -30.48 -8.88
CA VAL A 280 1.47 -30.17 -7.93
C VAL A 280 1.48 -28.69 -7.55
N HIS A 281 0.67 -27.86 -8.21
CA HIS A 281 0.67 -26.44 -7.90
C HIS A 281 0.21 -26.16 -6.48
N GLY A 282 -0.88 -26.80 -6.05
CA GLY A 282 -1.68 -26.22 -4.98
C GLY A 282 -2.26 -27.18 -3.97
N ALA A 283 -1.70 -28.38 -3.88
CA ALA A 283 -2.15 -29.34 -2.90
C ALA A 283 -0.96 -30.11 -2.38
N PRO A 284 -1.06 -30.64 -1.17
CA PRO A 284 0.04 -31.44 -0.63
C PRO A 284 0.39 -32.64 -1.50
N LEU A 285 1.66 -32.99 -1.51
CA LEU A 285 2.11 -34.18 -2.22
C LEU A 285 1.62 -35.43 -1.49
N LYS A 286 1.58 -36.53 -2.22
CA LYS A 286 1.30 -37.82 -1.60
C LYS A 286 2.49 -38.26 -0.73
N ALA A 287 2.21 -39.00 0.33
CA ALA A 287 3.28 -39.40 1.24
C ALA A 287 4.36 -40.21 0.53
N ASP A 288 3.98 -41.10 -0.40
CA ASP A 288 4.97 -41.90 -1.10
C ASP A 288 5.84 -41.05 -2.02
N ASP A 289 5.26 -39.98 -2.55
CA ASP A 289 6.02 -39.04 -3.37
C ASP A 289 7.10 -38.38 -2.52
N ILE A 290 6.72 -37.93 -1.32
CA ILE A 290 7.70 -37.31 -0.44
C ILE A 290 8.82 -38.28 -0.10
N LYS A 291 8.50 -39.56 0.12
CA LYS A 291 9.54 -40.53 0.41
C LYS A 291 10.55 -40.65 -0.72
N GLN A 292 10.06 -40.74 -1.97
CA GLN A 292 10.99 -40.89 -3.08
C GLN A 292 11.80 -39.61 -3.32
N LEU A 293 11.22 -38.44 -3.04
CA LEU A 293 12.00 -37.20 -3.09
C LEU A 293 13.17 -37.28 -2.14
N LYS A 294 12.89 -37.70 -0.91
CA LYS A 294 13.95 -37.72 0.09
C LYS A 294 15.04 -38.69 -0.30
N THR A 295 14.67 -39.90 -0.73
CA THR A 295 15.74 -40.85 -1.01
C THR A 295 16.55 -40.43 -2.24
N LYS A 296 15.91 -39.85 -3.25
CA LYS A 296 16.77 -39.56 -4.39
C LYS A 296 17.69 -38.38 -4.14
N TRP A 297 17.41 -37.58 -3.12
CA TRP A 297 18.27 -36.46 -2.76
C TRP A 297 19.15 -36.76 -1.55
N GLY A 298 19.15 -38.00 -1.08
CA GLY A 298 20.05 -38.40 -0.02
C GLY A 298 19.58 -38.11 1.38
N PHE A 299 18.29 -37.83 1.54
CA PHE A 299 17.68 -37.58 2.84
C PHE A 299 16.98 -38.83 3.35
N ASN A 300 16.68 -38.83 4.64
CA ASN A 300 16.03 -39.96 5.27
C ASN A 300 14.52 -39.86 5.04
N PRO A 301 13.90 -40.81 4.32
CA PRO A 301 12.46 -40.70 4.05
C PRO A 301 11.60 -40.81 5.29
N GLU A 302 12.16 -41.26 6.41
CA GLU A 302 11.45 -41.31 7.68
C GLU A 302 11.52 -40.01 8.45
N GLU A 303 12.29 -39.03 7.99
CA GLU A 303 12.52 -37.80 8.73
C GLU A 303 11.85 -36.63 8.03
N SER A 304 11.28 -35.73 8.81
CA SER A 304 10.76 -34.49 8.29
CA SER A 304 10.73 -34.48 8.31
C SER A 304 11.47 -33.30 8.93
N PHE A 305 11.45 -32.19 8.21
CA PHE A 305 12.06 -30.94 8.65
C PHE A 305 13.55 -31.07 8.94
N ALA A 306 14.25 -31.86 8.14
CA ALA A 306 15.69 -32.03 8.32
C ALA A 306 16.43 -30.76 7.91
N VAL A 307 17.42 -30.38 8.73
CA VAL A 307 18.31 -29.28 8.39
C VAL A 307 19.74 -29.76 8.58
N PRO A 308 20.40 -30.21 7.53
CA PRO A 308 21.78 -30.67 7.67
C PRO A 308 22.67 -29.55 8.19
N ALA A 309 23.53 -29.90 9.15
CA ALA A 309 24.37 -28.89 9.77
C ALA A 309 25.33 -28.26 8.78
N GLU A 310 25.72 -28.97 7.73
CA GLU A 310 26.59 -28.35 6.74
C GLU A 310 25.89 -27.24 5.98
N VAL A 311 24.58 -27.37 5.78
CA VAL A 311 23.82 -26.29 5.14
C VAL A 311 23.77 -25.09 6.06
N THR A 312 23.44 -25.30 7.32
CA THR A 312 23.46 -24.23 8.29
C THR A 312 24.83 -23.54 8.32
N ALA A 313 25.91 -24.32 8.28
CA ALA A 313 27.24 -23.73 8.32
C ALA A 313 27.48 -22.84 7.11
N SER A 314 27.11 -23.32 5.93
CA SER A 314 27.33 -22.56 4.72
C SER A 314 26.52 -21.27 4.73
N TYR A 315 25.28 -21.36 5.16
CA TYR A 315 24.42 -20.17 5.21
C TYR A 315 24.92 -19.20 6.27
N ASN A 316 25.37 -19.74 7.42
CA ASN A 316 25.92 -18.88 8.47
C ASN A 316 27.14 -18.12 7.98
N GLU A 317 27.98 -18.74 7.14
CA GLU A 317 29.15 -18.03 6.62
C GLU A 317 28.72 -16.78 5.85
N HIS A 318 27.67 -16.93 5.02
CA HIS A 318 27.17 -15.81 4.25
C HIS A 318 26.59 -14.74 5.16
N VAL A 319 25.83 -15.15 6.19
CA VAL A 319 25.31 -14.19 7.15
C VAL A 319 26.44 -13.42 7.82
N ALA A 320 27.48 -14.14 8.25
CA ALA A 320 28.59 -13.46 8.94
C ALA A 320 29.26 -12.45 8.02
N GLU A 321 29.43 -12.80 6.76
CA GLU A 321 29.99 -11.85 5.80
C GLU A 321 29.08 -10.64 5.62
N ASN A 322 27.77 -10.89 5.51
CA ASN A 322 26.83 -9.78 5.38
C ASN A 322 26.84 -8.89 6.61
N GLN A 323 26.98 -9.47 7.80
CA GLN A 323 27.02 -8.67 9.01
C GLN A 323 28.27 -7.80 9.05
N LYS A 324 29.39 -8.30 8.54
CA LYS A 324 30.58 -7.46 8.43
C LYS A 324 30.38 -6.34 7.42
N ILE A 325 29.64 -6.61 6.34
CA ILE A 325 29.29 -5.54 5.40
C ILE A 325 28.43 -4.48 6.09
N GLN A 326 27.42 -4.90 6.86
CA GLN A 326 26.62 -3.90 7.56
C GLN A 326 27.45 -3.14 8.59
N GLN A 327 28.36 -3.84 9.29
CA GLN A 327 29.22 -3.17 10.25
C GLN A 327 30.02 -2.06 9.57
N GLN A 328 30.56 -2.34 8.39
CA GLN A 328 31.29 -1.34 7.64
C GLN A 328 30.37 -0.22 7.15
N TRP A 329 29.13 -0.55 6.77
CA TRP A 329 28.17 0.47 6.39
C TRP A 329 27.89 1.39 7.57
N ASN A 330 27.78 0.84 8.78
CA ASN A 330 27.55 1.71 9.93
C ASN A 330 28.71 2.69 10.12
N GLU A 331 29.94 2.24 9.87
CA GLU A 331 31.07 3.15 9.97
C GLU A 331 31.05 4.18 8.84
N LEU A 332 30.65 3.76 7.63
CA LEU A 332 30.48 4.70 6.54
C LEU A 332 29.48 5.78 6.90
N PHE A 333 28.35 5.37 7.51
CA PHE A 333 27.32 6.30 7.91
C PHE A 333 27.84 7.26 8.97
N ALA A 334 28.62 6.77 9.93
CA ALA A 334 29.21 7.67 10.91
C ALA A 334 30.13 8.68 10.24
N ALA A 335 30.94 8.24 9.28
CA ALA A 335 31.83 9.15 8.57
C ALA A 335 31.04 10.13 7.72
N TYR A 336 29.92 9.69 7.17
CA TYR A 336 29.05 10.56 6.40
C TYR A 336 28.50 11.67 7.26
N LYS A 337 28.09 11.35 8.49
CA LYS A 337 27.57 12.37 9.39
C LYS A 337 28.62 13.43 9.73
N GLN A 338 29.90 13.05 9.73
CA GLN A 338 30.93 14.07 9.93
C GLN A 338 31.15 14.89 8.67
N LYS A 339 31.20 14.24 7.52
CA LYS A 339 31.51 14.96 6.27
C LYS A 339 30.34 15.80 5.77
N TYR A 340 29.11 15.36 6.00
CA TYR A 340 27.89 16.00 5.49
C TYR A 340 26.97 16.15 6.70
N PRO A 341 27.23 17.12 7.57
CA PRO A 341 26.51 17.15 8.86
C PRO A 341 25.00 17.29 8.71
N GLU A 342 24.54 18.14 7.78
CA GLU A 342 23.11 18.39 7.62
C GLU A 342 22.40 17.19 7.03
N LEU A 343 22.95 16.64 5.94
CA LEU A 343 22.35 15.45 5.34
C LEU A 343 22.41 14.28 6.30
N GLY A 344 23.52 14.16 7.04
CA GLY A 344 23.64 13.04 7.96
C GLY A 344 22.60 13.08 9.06
N ALA A 345 22.33 14.28 9.59
CA ALA A 345 21.32 14.39 10.63
C ALA A 345 19.93 14.11 10.08
N GLU A 346 19.66 14.57 8.85
CA GLU A 346 18.39 14.28 8.20
C GLU A 346 18.21 12.78 8.01
N LEU A 347 19.26 12.12 7.52
CA LEU A 347 19.19 10.69 7.31
C LEU A 347 18.98 9.97 8.63
N GLN A 348 19.70 10.36 9.67
CA GLN A 348 19.52 9.73 10.97
C GLN A 348 18.08 9.87 11.47
N ARG A 349 17.53 11.07 11.36
CA ARG A 349 16.16 11.29 11.80
C ARG A 349 15.19 10.37 11.06
N ARG A 350 15.36 10.26 9.74
CA ARG A 350 14.49 9.40 8.96
C ARG A 350 14.63 7.94 9.35
N LEU A 351 15.86 7.48 9.61
CA LEU A 351 16.05 6.09 10.00
C LEU A 351 15.53 5.82 11.39
N ASP A 352 15.37 6.87 12.21
CA ASP A 352 14.72 6.75 13.50
C ASP A 352 13.21 6.82 13.42
N GLY A 353 12.66 7.06 12.23
CA GLY A 353 11.22 7.09 12.05
C GLY A 353 10.56 8.37 12.49
N LYS A 354 11.31 9.46 12.60
CA LYS A 354 10.81 10.70 13.15
C LYS A 354 10.69 11.74 12.05
N LEU A 355 9.58 12.47 12.04
CA LEU A 355 9.42 13.62 11.18
C LEU A 355 10.24 14.80 11.73
N PRO A 356 10.50 15.82 10.90
CA PRO A 356 11.18 17.00 11.42
C PRO A 356 10.41 17.63 12.57
N GLU A 357 11.19 18.14 13.53
CA GLU A 357 10.60 18.81 14.68
C GLU A 357 9.71 19.95 14.21
N ASN A 358 8.48 19.96 14.70
CA ASN A 358 7.55 21.06 14.44
C ASN A 358 7.24 21.23 12.95
N TRP A 359 7.35 20.15 12.16
CA TRP A 359 7.07 20.24 10.74
C TRP A 359 5.67 20.77 10.50
N ASP A 360 4.74 20.46 11.40
CA ASP A 360 3.35 20.78 11.19
C ASP A 360 3.07 22.28 11.32
N LYS A 361 4.03 23.06 11.80
CA LYS A 361 3.86 24.51 11.76
C LYS A 361 3.78 25.03 10.32
N ALA A 362 4.21 24.24 9.34
CA ALA A 362 4.06 24.63 7.94
C ALA A 362 2.64 24.44 7.42
N LEU A 363 1.78 23.72 8.12
CA LEU A 363 0.44 23.48 7.62
C LEU A 363 -0.34 24.80 7.55
N PRO A 364 -0.99 25.08 6.43
CA PRO A 364 -1.79 26.30 6.33
C PRO A 364 -2.99 26.30 7.28
N VAL A 365 -3.29 27.48 7.78
CA VAL A 365 -4.42 27.70 8.68
C VAL A 365 -5.29 28.80 8.09
N TYR A 366 -6.59 28.65 8.22
CA TYR A 366 -7.59 29.51 7.62
C TYR A 366 -8.53 30.05 8.68
N THR A 367 -9.19 31.15 8.33
CA THR A 367 -10.24 31.70 9.17
C THR A 367 -11.51 31.78 8.36
N PRO A 368 -12.65 32.01 9.02
CA PRO A 368 -13.90 32.13 8.28
C PRO A 368 -13.98 33.35 7.38
N ALA A 369 -13.07 34.30 7.52
CA ALA A 369 -13.00 35.46 6.64
C ALA A 369 -12.29 35.18 5.34
N ASP A 370 -11.61 34.04 5.23
CA ASP A 370 -10.89 33.71 4.02
C ASP A 370 -11.84 33.23 2.93
N ALA A 371 -11.38 33.32 1.68
CA ALA A 371 -12.19 32.97 0.52
C ALA A 371 -12.49 31.47 0.47
N ALA A 372 -13.56 31.14 -0.25
CA ALA A 372 -13.88 29.76 -0.56
C ALA A 372 -12.81 29.19 -1.49
N VAL A 373 -12.49 27.91 -1.28
CA VAL A 373 -11.45 27.21 -2.03
C VAL A 373 -11.90 25.76 -2.18
N ALA A 374 -11.64 25.14 -3.33
CA ALA A 374 -11.89 23.72 -3.48
C ALA A 374 -10.90 22.94 -2.62
N THR A 375 -11.32 21.81 -2.07
CA THR A 375 -10.34 21.09 -1.25
C THR A 375 -9.22 20.48 -2.10
N ARG A 376 -9.40 20.27 -3.41
CA ARG A 376 -8.24 19.89 -4.22
C ARG A 376 -7.18 20.99 -4.24
N LYS A 377 -7.62 22.25 -4.28
CA LYS A 377 -6.69 23.37 -4.29
C LYS A 377 -6.07 23.57 -2.91
N LEU A 378 -6.87 23.41 -1.86
CA LEU A 378 -6.31 23.44 -0.52
C LEU A 378 -5.22 22.38 -0.35
N SER A 379 -5.45 21.20 -0.90
CA SER A 379 -4.46 20.14 -0.89
C SER A 379 -3.18 20.57 -1.62
N GLU A 380 -3.30 21.16 -2.81
CA GLU A 380 -2.13 21.71 -3.51
C GLU A 380 -1.34 22.66 -2.62
N ILE A 381 -2.06 23.55 -1.94
CA ILE A 381 -1.41 24.51 -1.08
C ILE A 381 -0.70 23.82 0.07
N VAL A 382 -1.34 22.84 0.72
CA VAL A 382 -0.67 22.08 1.77
C VAL A 382 0.63 21.48 1.25
N LEU A 383 0.53 20.74 0.15
CA LEU A 383 1.70 20.08 -0.42
C LEU A 383 2.81 21.09 -0.70
N SER A 384 2.44 22.26 -1.22
CA SER A 384 3.41 23.33 -1.52
CA SER A 384 3.46 23.27 -1.53
C SER A 384 4.15 23.79 -0.28
N LYS A 385 3.50 23.76 0.87
CA LYS A 385 4.12 24.19 2.11
C LYS A 385 4.92 23.08 2.78
N ILE A 386 4.46 21.83 2.69
CA ILE A 386 5.09 20.78 3.48
C ILE A 386 6.19 20.03 2.73
N ILE A 387 6.09 19.94 1.40
CA ILE A 387 7.14 19.28 0.64
C ILE A 387 8.51 19.91 0.90
N PRO A 388 8.67 21.23 0.90
CA PRO A 388 9.99 21.79 1.22
C PRO A 388 10.45 21.52 2.65
N GLU A 389 9.53 21.23 3.57
CA GLU A 389 9.85 21.03 4.97
C GLU A 389 10.11 19.59 5.34
N VAL A 390 9.65 18.65 4.53
CA VAL A 390 9.66 17.24 4.89
C VAL A 390 10.22 16.47 3.70
N PRO A 391 11.54 16.21 3.68
CA PRO A 391 12.14 15.63 2.46
C PRO A 391 11.67 14.24 2.13
N GLU A 392 11.17 13.51 3.12
CA GLU A 392 10.71 12.15 2.88
C GLU A 392 9.31 12.10 2.23
N ILE A 393 8.70 13.23 1.94
CA ILE A 393 7.49 13.23 1.12
C ILE A 393 7.88 13.20 -0.34
N ILE A 394 7.39 12.18 -1.06
CA ILE A 394 7.40 12.14 -2.52
C ILE A 394 6.03 11.66 -2.96
N GLY A 395 5.68 11.90 -4.21
CA GLY A 395 4.39 11.40 -4.66
C GLY A 395 4.18 11.71 -6.12
N GLY A 396 2.98 11.44 -6.61
CA GLY A 396 2.72 11.65 -8.02
C GLY A 396 1.25 11.58 -8.31
N SER A 397 0.93 11.45 -9.59
CA SER A 397 -0.45 11.32 -10.04
C SER A 397 -0.48 10.37 -11.23
N ALA A 398 -1.64 9.74 -11.39
CA ALA A 398 -1.91 8.87 -12.51
C ALA A 398 -2.47 9.66 -13.70
N ASP A 399 -1.59 10.47 -14.31
CA ASP A 399 -1.95 11.30 -15.46
C ASP A 399 -3.03 12.33 -15.16
N LEU A 400 -3.08 12.81 -13.92
CA LEU A 400 -4.07 13.82 -13.55
C LEU A 400 -3.42 14.97 -12.80
N THR A 401 -2.17 15.25 -13.08
CA THR A 401 -1.46 16.28 -12.32
C THR A 401 -2.15 17.63 -12.32
N PRO A 402 -2.62 18.17 -13.46
CA PRO A 402 -3.26 19.49 -13.41
C PRO A 402 -4.69 19.46 -12.94
N SER A 403 -5.26 18.28 -12.70
CA SER A 403 -6.60 18.13 -12.17
C SER A 403 -6.58 17.83 -10.69
N ASN A 404 -5.70 16.93 -10.26
CA ASN A 404 -5.56 16.62 -8.84
C ASN A 404 -4.79 17.69 -8.09
N LEU A 405 -3.94 18.44 -8.79
CA LEU A 405 -3.13 19.52 -8.23
C LEU A 405 -2.11 19.00 -7.23
N THR A 406 -1.40 17.95 -7.64
CA THR A 406 -0.53 17.17 -6.77
C THR A 406 0.94 17.54 -6.84
N LYS A 407 1.36 18.41 -7.77
CA LYS A 407 2.76 18.78 -7.90
C LYS A 407 3.00 20.17 -7.33
N ALA A 408 3.98 20.28 -6.44
CA ALA A 408 4.38 21.59 -5.94
C ALA A 408 5.23 22.30 -6.98
N LYS A 409 4.90 23.56 -7.24
CA LYS A 409 5.72 24.37 -8.14
C LYS A 409 7.17 24.39 -7.65
N GLY A 410 8.11 24.29 -8.59
CA GLY A 410 9.51 24.34 -8.23
C GLY A 410 10.13 23.01 -7.89
N THR A 411 9.37 21.93 -7.95
CA THR A 411 9.95 20.60 -7.80
C THR A 411 10.22 19.99 -9.16
N VAL A 412 11.13 19.02 -9.15
CA VAL A 412 11.45 18.32 -10.37
C VAL A 412 10.90 16.90 -10.30
N ASP A 413 10.61 16.38 -11.48
CA ASP A 413 10.05 15.05 -11.57
C ASP A 413 11.13 14.01 -11.33
N PHE A 414 10.70 12.89 -10.75
CA PHE A 414 11.50 11.68 -10.66
C PHE A 414 11.56 11.04 -12.03
N GLN A 415 12.70 11.15 -12.69
CA GLN A 415 12.97 10.55 -13.98
C GLN A 415 14.44 10.21 -14.03
N PRO A 416 14.85 9.25 -14.84
CA PRO A 416 16.29 9.10 -15.08
C PRO A 416 16.80 10.34 -15.78
N ALA A 417 17.93 10.85 -15.30
CA ALA A 417 18.52 12.05 -15.91
C ALA A 417 18.78 11.88 -17.40
N ALA A 418 19.02 10.64 -17.85
CA ALA A 418 19.27 10.42 -19.28
C ALA A 418 18.14 10.92 -20.15
N THR A 419 16.91 10.99 -19.62
CA THR A 419 15.77 11.46 -20.40
C THR A 419 15.73 12.97 -20.55
N GLY A 420 16.43 13.71 -19.69
CA GLY A 420 16.31 15.16 -19.62
C GLY A 420 15.03 15.68 -19.00
N LEU A 421 14.17 14.79 -18.49
CA LEU A 421 12.83 15.15 -18.05
C LEU A 421 12.71 15.25 -16.55
N GLY A 422 13.80 14.98 -15.83
CA GLY A 422 13.79 14.94 -14.38
C GLY A 422 15.11 14.38 -13.92
N ASP A 423 15.13 13.93 -12.67
CA ASP A 423 16.32 13.31 -12.10
C ASP A 423 15.85 12.34 -11.03
N TYR A 424 16.69 11.37 -10.67
CA TYR A 424 16.29 10.47 -9.59
C TYR A 424 16.17 11.18 -8.24
N SER A 425 16.78 12.36 -8.09
CA SER A 425 16.56 13.15 -6.87
C SER A 425 15.20 13.84 -6.86
N GLY A 426 14.47 13.78 -7.98
CA GLY A 426 13.17 14.43 -8.04
C GLY A 426 12.18 13.82 -7.07
N ARG A 427 11.09 14.56 -6.89
CA ARG A 427 10.12 14.26 -5.86
C ARG A 427 8.72 13.99 -6.40
N TYR A 428 8.51 14.13 -7.71
CA TYR A 428 7.19 14.04 -8.30
C TYR A 428 7.19 12.96 -9.38
N ILE A 429 6.30 11.99 -9.25
CA ILE A 429 6.27 10.81 -10.12
C ILE A 429 5.12 10.91 -11.11
N ARG A 430 5.45 10.78 -12.39
CA ARG A 430 4.45 10.73 -13.45
C ARG A 430 4.09 9.26 -13.64
N TYR A 431 3.01 8.83 -12.97
CA TYR A 431 2.65 7.42 -13.02
C TYR A 431 1.99 7.02 -14.34
N GLY A 432 1.53 7.98 -15.14
CA GLY A 432 0.71 7.63 -16.29
C GLY A 432 -0.64 7.10 -15.83
N VAL A 433 -1.41 6.56 -16.79
CA VAL A 433 -2.79 6.15 -16.50
C VAL A 433 -2.77 4.72 -15.95
N ARG A 434 -2.29 4.62 -14.70
CA ARG A 434 -1.88 3.34 -14.12
C ARG A 434 -2.25 3.35 -12.63
N GLU A 435 -3.54 3.47 -12.30
CA GLU A 435 -3.90 3.63 -10.89
C GLU A 435 -3.51 2.43 -10.05
N HIS A 436 -3.76 1.23 -10.56
CA HIS A 436 -3.52 0.04 -9.76
C HIS A 436 -2.03 -0.10 -9.46
N ALA A 437 -1.19 0.03 -10.49
CA ALA A 437 0.23 -0.03 -10.24
C ALA A 437 0.68 1.11 -9.35
N MET A 438 0.13 2.30 -9.53
CA MET A 438 0.48 3.39 -8.62
C MET A 438 0.23 2.97 -7.17
N GLY A 439 -0.92 2.35 -6.91
CA GLY A 439 -1.22 1.92 -5.55
C GLY A 439 -0.21 0.92 -5.02
N ALA A 440 0.17 -0.05 -5.85
CA ALA A 440 1.11 -1.08 -5.39
C ALA A 440 2.54 -0.55 -5.33
N ILE A 441 2.89 0.36 -6.22
CA ILE A 441 4.19 1.03 -6.15
C ILE A 441 4.28 1.86 -4.88
N MET A 442 3.20 2.57 -4.53
CA MET A 442 3.20 3.31 -3.27
C MET A 442 3.48 2.40 -2.10
N ASN A 443 2.90 1.19 -2.11
CA ASN A 443 3.17 0.24 -1.04
C ASN A 443 4.65 -0.13 -1.01
N GLY A 444 5.27 -0.32 -2.17
CA GLY A 444 6.70 -0.60 -2.20
C GLY A 444 7.56 0.55 -1.71
N ILE A 445 7.19 1.78 -2.06
CA ILE A 445 7.94 2.93 -1.55
C ILE A 445 7.86 2.97 -0.03
N ALA A 446 6.65 2.75 0.52
CA ALA A 446 6.51 2.70 1.97
C ALA A 446 7.35 1.57 2.55
N ALA A 447 7.34 0.42 1.89
CA ALA A 447 8.07 -0.75 2.36
C ALA A 447 9.57 -0.52 2.39
N PHE A 448 10.09 0.31 1.48
CA PHE A 448 11.52 0.63 1.51
C PHE A 448 11.93 1.13 2.88
N GLY A 449 11.09 1.97 3.48
CA GLY A 449 11.36 2.52 4.80
C GLY A 449 11.90 3.92 4.72
N ALA A 450 12.85 4.23 5.60
CA ALA A 450 13.44 5.56 5.65
C ALA A 450 12.39 6.66 5.81
N ASN A 451 11.30 6.33 6.49
CA ASN A 451 10.24 7.29 6.79
C ASN A 451 9.54 7.85 5.55
N TYR A 452 9.65 7.21 4.38
CA TYR A 452 8.95 7.74 3.22
C TYR A 452 7.47 7.87 3.49
N LYS A 453 6.93 9.05 3.17
CA LYS A 453 5.52 9.39 3.29
C LYS A 453 5.09 9.73 1.87
N ASN A 454 4.52 8.76 1.15
CA ASN A 454 4.31 8.94 -0.27
C ASN A 454 2.84 8.92 -0.64
N TYR A 455 2.53 9.60 -1.74
CA TYR A 455 1.15 9.86 -2.12
C TYR A 455 0.95 9.65 -3.61
N GLY A 456 -0.32 9.48 -3.97
CA GLY A 456 -0.69 9.23 -5.35
C GLY A 456 -2.04 9.84 -5.63
N GLY A 457 -2.12 10.63 -6.70
CA GLY A 457 -3.35 11.30 -7.07
C GLY A 457 -4.10 10.62 -8.20
N THR A 458 -5.43 10.58 -8.05
CA THR A 458 -6.33 10.28 -9.14
C THR A 458 -7.70 10.82 -8.76
N PHE A 459 -8.68 10.65 -9.65
CA PHE A 459 -10.05 10.94 -9.26
C PHE A 459 -10.51 9.85 -8.29
N LEU A 460 -11.30 10.24 -7.30
CA LEU A 460 -11.77 9.27 -6.31
C LEU A 460 -12.42 8.06 -6.96
N ASN A 461 -13.22 8.25 -8.00
CA ASN A 461 -13.90 7.10 -8.59
C ASN A 461 -12.94 6.07 -9.16
N PHE A 462 -11.74 6.49 -9.53
CA PHE A 462 -10.77 5.57 -10.12
C PHE A 462 -9.77 5.04 -9.12
N VAL A 463 -9.84 5.45 -7.85
CA VAL A 463 -9.14 4.70 -6.80
C VAL A 463 -9.62 3.27 -6.83
N SER A 464 -10.87 3.07 -7.22
CA SER A 464 -11.45 1.73 -7.31
C SER A 464 -10.69 0.80 -8.26
N TYR A 465 -10.05 1.36 -9.30
CA TYR A 465 -9.22 0.54 -10.20
C TYR A 465 -8.07 -0.11 -9.45
N ALA A 466 -7.69 0.45 -8.31
CA ALA A 466 -6.54 0.03 -7.52
C ALA A 466 -6.94 -0.69 -6.25
N ALA A 467 -8.20 -1.13 -6.15
CA ALA A 467 -8.67 -1.77 -4.91
C ALA A 467 -7.77 -2.90 -4.45
N GLY A 468 -7.23 -3.70 -5.37
CA GLY A 468 -6.38 -4.81 -4.94
C GLY A 468 -5.21 -4.35 -4.09
N ALA A 469 -4.57 -3.27 -4.53
CA ALA A 469 -3.43 -2.69 -3.81
C ALA A 469 -3.85 -1.91 -2.58
N VAL A 470 -4.97 -1.18 -2.65
CA VAL A 470 -5.42 -0.38 -1.51
C VAL A 470 -5.69 -1.28 -0.32
N ARG A 471 -6.36 -2.42 -0.56
CA ARG A 471 -6.64 -3.33 0.52
C ARG A 471 -5.35 -3.84 1.14
N LEU A 472 -4.34 -4.08 0.32
CA LEU A 472 -3.05 -4.49 0.82
C LEU A 472 -2.34 -3.38 1.58
N SER A 473 -2.55 -2.11 1.24
CA SER A 473 -2.01 -1.04 2.07
C SER A 473 -2.54 -1.16 3.51
N ALA A 474 -3.82 -1.47 3.62
CA ALA A 474 -4.48 -1.59 4.92
C ALA A 474 -3.97 -2.81 5.67
N LEU A 475 -3.92 -3.96 5.00
CA LEU A 475 -3.47 -5.20 5.64
C LEU A 475 -1.98 -5.13 6.00
N SER A 476 -1.19 -4.44 5.19
CA SER A 476 0.25 -4.31 5.40
C SER A 476 0.62 -3.20 6.36
N GLU A 477 -0.35 -2.36 6.71
CA GLU A 477 -0.15 -1.26 7.64
C GLU A 477 0.85 -0.24 7.10
N PHE A 478 0.70 0.12 5.82
CA PHE A 478 1.58 1.10 5.22
C PHE A 478 0.95 2.49 5.19
N PRO A 479 1.71 3.51 5.59
CA PRO A 479 1.21 4.90 5.60
C PRO A 479 1.38 5.55 4.24
N ILE A 480 0.58 5.09 3.28
CA ILE A 480 0.47 5.68 1.96
C ILE A 480 -0.74 6.59 1.94
N THR A 481 -0.79 7.49 0.96
CA THR A 481 -1.87 8.45 0.88
C THR A 481 -2.37 8.58 -0.56
N TRP A 482 -3.68 8.43 -0.73
CA TRP A 482 -4.33 8.73 -1.99
C TRP A 482 -4.90 10.14 -1.94
N VAL A 483 -4.54 10.95 -2.93
CA VAL A 483 -5.05 12.30 -3.10
C VAL A 483 -6.16 12.16 -4.15
N ALA A 484 -7.39 11.99 -3.67
CA ALA A 484 -8.49 11.46 -4.47
C ALA A 484 -9.49 12.58 -4.72
N THR A 485 -9.27 13.30 -5.81
CA THR A 485 -10.04 14.51 -6.07
C THR A 485 -11.32 14.20 -6.85
N HIS A 486 -12.13 15.23 -7.04
CA HIS A 486 -13.36 15.10 -7.82
C HIS A 486 -14.26 14.05 -7.18
N ASP A 487 -14.56 14.29 -5.91
CA ASP A 487 -15.09 13.28 -5.02
C ASP A 487 -16.56 12.92 -5.21
N SER A 488 -17.34 13.66 -5.97
CA SER A 488 -18.79 13.43 -5.95
C SER A 488 -19.41 13.99 -7.21
N ILE A 489 -20.75 13.98 -7.24
CA ILE A 489 -21.52 14.72 -8.22
C ILE A 489 -21.11 16.18 -8.34
N GLY A 490 -20.43 16.73 -7.32
CA GLY A 490 -19.88 18.07 -7.45
C GLY A 490 -18.92 18.27 -8.59
N LEU A 491 -18.39 17.18 -9.17
CA LEU A 491 -17.54 17.33 -10.35
C LEU A 491 -18.34 17.72 -11.59
N GLY A 492 -19.65 17.45 -11.62
CA GLY A 492 -20.48 17.95 -12.70
C GLY A 492 -20.46 17.15 -13.99
N GLU A 493 -19.99 17.79 -15.06
CA GLU A 493 -20.32 17.38 -16.42
C GLU A 493 -19.76 16.03 -16.83
N ASP A 494 -18.64 15.58 -16.28
CA ASP A 494 -18.14 14.28 -16.69
C ASP A 494 -19.13 13.17 -16.43
N GLY A 495 -20.04 13.33 -15.47
CA GLY A 495 -21.18 12.43 -15.37
C GLY A 495 -20.94 11.17 -14.58
N PRO A 496 -21.92 10.26 -14.66
CA PRO A 496 -21.99 9.15 -13.69
C PRO A 496 -20.85 8.15 -13.78
N THR A 497 -20.18 8.04 -14.92
CA THR A 497 -19.02 7.17 -15.00
C THR A 497 -17.85 7.67 -14.17
N HIS A 498 -17.90 8.93 -13.75
CA HIS A 498 -16.84 9.56 -12.98
C HIS A 498 -17.23 9.89 -11.55
N GLN A 499 -18.51 9.82 -11.20
CA GLN A 499 -19.02 10.34 -9.92
C GLN A 499 -19.12 9.21 -8.90
N PRO A 500 -18.32 9.24 -7.83
CA PRO A 500 -18.40 8.21 -6.79
C PRO A 500 -19.76 8.15 -6.13
N ILE A 501 -20.17 6.91 -5.82
CA ILE A 501 -21.36 6.64 -5.02
C ILE A 501 -21.01 5.68 -3.89
N GLU A 502 -20.42 4.56 -4.26
CA GLU A 502 -20.08 3.45 -3.37
C GLU A 502 -18.68 3.55 -2.78
N THR A 503 -17.86 4.48 -3.28
CA THR A 503 -16.42 4.39 -3.10
C THR A 503 -16.01 4.57 -1.64
N LEU A 504 -16.56 5.60 -0.97
CA LEU A 504 -16.20 5.80 0.43
C LEU A 504 -16.70 4.66 1.30
N ALA A 505 -17.89 4.14 1.02
CA ALA A 505 -18.39 3.02 1.80
C ALA A 505 -17.46 1.81 1.67
N HIS A 506 -17.00 1.54 0.46
CA HIS A 506 -16.08 0.43 0.22
C HIS A 506 -14.84 0.56 1.08
N PHE A 507 -14.19 1.72 1.04
CA PHE A 507 -12.92 1.87 1.76
C PHE A 507 -13.13 2.04 3.26
N ARG A 508 -14.22 2.70 3.68
CA ARG A 508 -14.52 2.78 5.11
C ARG A 508 -14.83 1.41 5.69
N ALA A 509 -15.39 0.49 4.89
CA ALA A 509 -15.70 -0.86 5.32
C ALA A 509 -14.47 -1.75 5.36
N THR A 510 -13.38 -1.30 4.77
CA THR A 510 -12.12 -2.03 4.82
C THR A 510 -11.43 -1.71 6.14
N PRO A 511 -10.97 -2.71 6.89
CA PRO A 511 -10.26 -2.38 8.14
C PRO A 511 -9.04 -1.50 7.84
N ASN A 512 -8.76 -0.58 8.78
CA ASN A 512 -7.49 0.15 8.78
C ASN A 512 -7.30 1.06 7.56
N ILE A 513 -8.36 1.76 7.13
CA ILE A 513 -8.22 2.84 6.16
C ILE A 513 -8.83 4.11 6.73
N SER A 514 -8.02 5.14 6.85
CA SER A 514 -8.49 6.47 7.21
C SER A 514 -9.00 7.15 5.94
N VAL A 515 -10.27 7.51 5.93
CA VAL A 515 -10.91 8.09 4.75
C VAL A 515 -11.33 9.51 5.13
N TRP A 516 -10.48 10.47 4.81
CA TRP A 516 -10.70 11.87 5.16
C TRP A 516 -11.48 12.53 4.05
N ARG A 517 -12.50 13.28 4.42
CA ARG A 517 -13.32 14.03 3.46
C ARG A 517 -13.43 15.44 4.02
N PRO A 518 -12.36 16.22 3.93
CA PRO A 518 -12.34 17.51 4.63
C PRO A 518 -13.28 18.51 4.03
N ALA A 519 -13.85 19.35 4.89
CA ALA A 519 -14.83 20.33 4.45
C ALA A 519 -14.22 21.65 4.05
N ASP A 520 -13.03 21.99 4.53
CA ASP A 520 -12.52 23.34 4.33
C ASP A 520 -11.01 23.33 4.54
N GLY A 521 -10.44 24.53 4.61
CA GLY A 521 -8.99 24.63 4.71
C GLY A 521 -8.41 24.02 5.97
N ASN A 522 -9.01 24.32 7.13
CA ASN A 522 -8.46 23.76 8.35
C ASN A 522 -8.60 22.24 8.38
N GLU A 523 -9.72 21.72 7.90
CA GLU A 523 -9.87 20.28 7.89
C GLU A 523 -8.90 19.62 6.93
N THR A 524 -8.59 20.26 5.81
CA THR A 524 -7.64 19.70 4.86
C THR A 524 -6.25 19.62 5.48
N SER A 525 -5.87 20.64 6.24
CA SER A 525 -4.60 20.58 6.96
C SER A 525 -4.59 19.46 7.99
N ALA A 526 -5.70 19.28 8.72
CA ALA A 526 -5.78 18.16 9.67
C ALA A 526 -5.65 16.81 8.96
N ALA A 527 -6.26 16.69 7.77
CA ALA A 527 -6.18 15.43 7.04
C ALA A 527 -4.74 15.12 6.66
N TYR A 528 -4.01 16.13 6.19
CA TYR A 528 -2.60 15.92 5.87
C TYR A 528 -1.77 15.67 7.12
N LYS A 529 -2.07 16.34 8.22
CA LYS A 529 -1.32 16.06 9.44
C LYS A 529 -1.44 14.58 9.79
N SER A 530 -2.67 14.05 9.70
CA SER A 530 -2.88 12.63 9.96
C SER A 530 -2.14 11.75 8.97
N ALA A 531 -2.24 12.09 7.68
CA ALA A 531 -1.67 11.25 6.63
C ALA A 531 -0.15 11.17 6.74
N ILE A 532 0.49 12.30 7.03
CA ILE A 532 1.95 12.36 7.09
C ILE A 532 2.47 11.77 8.39
N GLU A 533 1.75 11.99 9.51
CA GLU A 533 2.17 11.40 10.78
C GLU A 533 1.93 9.90 10.85
N SER A 534 1.07 9.37 9.97
CA SER A 534 0.75 7.96 10.01
C SER A 534 1.99 7.10 9.90
N THR A 535 2.00 6.02 10.68
CA THR A 535 3.01 4.99 10.52
C THR A 535 2.41 3.63 10.18
N HIS A 536 1.11 3.42 10.40
CA HIS A 536 0.54 2.10 10.21
C HIS A 536 -0.81 2.11 9.50
N THR A 537 -1.27 3.25 9.00
CA THR A 537 -2.63 3.34 8.46
C THR A 537 -2.64 4.11 7.16
N PRO A 538 -3.04 3.49 6.05
CA PRO A 538 -3.17 4.24 4.81
C PRO A 538 -4.31 5.23 4.88
N HIS A 539 -4.17 6.30 4.11
CA HIS A 539 -5.12 7.39 4.05
C HIS A 539 -5.64 7.57 2.62
N ILE A 540 -6.93 7.87 2.53
CA ILE A 540 -7.54 8.35 1.29
C ILE A 540 -8.12 9.71 1.62
N LEU A 541 -7.71 10.73 0.88
CA LEU A 541 -8.21 12.09 1.04
C LEU A 541 -9.17 12.37 -0.11
N ALA A 542 -10.46 12.44 0.21
CA ALA A 542 -11.52 12.70 -0.77
C ALA A 542 -11.72 14.20 -0.86
N LEU A 543 -11.41 14.76 -2.03
CA LEU A 543 -11.26 16.19 -2.22
C LEU A 543 -12.17 16.66 -3.34
N THR A 544 -12.58 17.93 -3.28
CA THR A 544 -13.58 18.46 -4.20
C THR A 544 -12.97 19.10 -5.42
N ARG A 545 -13.73 19.02 -6.52
CA ARG A 545 -13.51 19.90 -7.65
C ARG A 545 -13.93 21.32 -7.32
N GLN A 546 -15.08 21.47 -6.67
CA GLN A 546 -15.78 22.74 -6.48
C GLN A 546 -15.37 23.46 -5.21
N ASN A 547 -15.52 24.78 -5.22
CA ASN A 547 -15.14 25.61 -4.07
C ASN A 547 -16.07 25.39 -2.89
N LEU A 548 -15.51 25.43 -1.68
CA LEU A 548 -16.26 25.34 -0.43
C LEU A 548 -15.86 26.48 0.49
N PRO A 549 -16.79 26.98 1.29
CA PRO A 549 -16.45 28.09 2.20
C PRO A 549 -15.61 27.63 3.39
N GLN A 550 -14.84 28.57 3.94
CA GLN A 550 -14.20 28.32 5.22
C GLN A 550 -15.25 28.36 6.32
N LEU A 551 -15.23 27.35 7.19
CA LEU A 551 -16.29 27.20 8.18
C LEU A 551 -16.01 27.94 9.48
N GLU A 552 -17.05 28.55 10.01
CA GLU A 552 -16.99 29.06 11.37
C GLU A 552 -16.97 27.87 12.33
N GLY A 553 -15.92 27.75 13.13
CA GLY A 553 -15.81 26.68 14.09
C GLY A 553 -14.81 25.59 13.74
N SER A 554 -14.24 25.60 12.54
CA SER A 554 -13.25 24.57 12.21
C SER A 554 -11.86 24.99 12.69
N SER A 555 -11.03 23.98 12.95
CA SER A 555 -9.64 24.18 13.28
C SER A 555 -8.93 22.88 13.01
N ILE A 556 -7.60 22.97 12.88
CA ILE A 556 -6.81 21.75 12.81
C ILE A 556 -7.00 20.92 14.08
N GLU A 557 -6.98 21.59 15.24
CA GLU A 557 -7.12 20.88 16.50
C GLU A 557 -8.39 20.06 16.55
N LYS A 558 -9.54 20.66 16.25
CA LYS A 558 -10.78 19.91 16.37
C LYS A 558 -10.90 18.85 15.28
N ALA A 559 -10.51 19.20 14.05
CA ALA A 559 -10.65 18.25 12.95
C ALA A 559 -9.73 17.05 13.15
N SER A 560 -8.63 17.22 13.88
CA SER A 560 -7.71 16.12 14.16
CA SER A 560 -7.73 16.10 14.13
C SER A 560 -8.35 15.01 14.99
N LYS A 561 -9.50 15.29 15.62
CA LYS A 561 -10.23 14.26 16.34
C LYS A 561 -11.09 13.40 15.43
N GLY A 562 -11.12 13.69 14.13
CA GLY A 562 -11.86 12.88 13.15
C GLY A 562 -13.33 13.26 13.05
N GLY A 563 -13.94 13.60 14.18
CA GLY A 563 -15.30 14.11 14.22
C GLY A 563 -15.37 15.12 15.35
N TYR A 564 -16.13 16.19 15.16
CA TYR A 564 -16.19 17.23 16.18
C TYR A 564 -17.48 18.02 16.01
N THR A 565 -17.88 18.67 17.09
CA THR A 565 -19.04 19.54 17.08
C THR A 565 -18.63 20.86 16.45
N LEU A 566 -19.18 21.15 15.28
CA LEU A 566 -18.93 22.39 14.58
C LEU A 566 -19.81 23.50 15.12
N VAL A 567 -21.10 23.24 15.19
CA VAL A 567 -22.09 24.15 15.75
C VAL A 567 -22.75 23.43 16.92
N GLN A 568 -22.50 23.92 18.12
CA GLN A 568 -23.11 23.39 19.33
C GLN A 568 -24.43 24.08 19.57
N GLN A 569 -25.46 23.30 19.83
CA GLN A 569 -26.78 23.82 20.14
C GLN A 569 -27.27 23.06 21.37
N ASP A 570 -27.23 23.71 22.54
CA ASP A 570 -27.62 23.04 23.76
C ASP A 570 -29.09 22.63 23.79
N LYS A 571 -29.95 23.28 23.02
CA LYS A 571 -31.34 22.86 23.00
C LYS A 571 -31.70 22.25 21.65
N ALA A 572 -30.80 21.45 21.10
CA ALA A 572 -31.02 20.96 19.76
C ALA A 572 -32.24 20.05 19.68
N ASP A 573 -33.04 20.28 18.64
CA ASP A 573 -34.06 19.34 18.24
C ASP A 573 -33.50 18.25 17.34
N ILE A 574 -32.35 18.51 16.72
CA ILE A 574 -31.72 17.55 15.82
C ILE A 574 -30.26 17.96 15.72
N ILE A 575 -29.40 16.97 15.47
CA ILE A 575 -28.02 17.21 15.09
C ILE A 575 -27.86 16.69 13.67
N ILE A 576 -27.25 17.50 12.82
CA ILE A 576 -26.91 17.09 11.46
C ILE A 576 -25.42 16.77 11.43
N VAL A 577 -25.08 15.54 11.06
CA VAL A 577 -23.69 15.12 10.91
C VAL A 577 -23.38 15.02 9.42
N ALA A 578 -22.27 15.61 9.00
CA ALA A 578 -21.96 15.68 7.58
C ALA A 578 -20.45 15.64 7.40
N THR A 579 -20.07 15.48 6.13
CA THR A 579 -18.67 15.48 5.74
C THR A 579 -18.48 16.39 4.54
N GLY A 580 -17.24 16.83 4.36
CA GLY A 580 -16.85 17.44 3.11
C GLY A 580 -17.74 18.57 2.68
N SER A 581 -18.12 18.53 1.41
CA SER A 581 -18.97 19.53 0.82
C SER A 581 -20.35 19.65 1.48
N GLU A 582 -20.79 18.62 2.21
CA GLU A 582 -22.09 18.67 2.82
C GLU A 582 -22.10 19.36 4.19
N VAL A 583 -20.93 19.69 4.75
CA VAL A 583 -20.94 20.40 6.03
C VAL A 583 -21.49 21.81 5.83
N SER A 584 -21.01 22.51 4.80
CA SER A 584 -21.53 23.83 4.51
C SER A 584 -23.02 23.78 4.20
N LEU A 585 -23.45 22.72 3.50
CA LEU A 585 -24.86 22.51 3.24
C LEU A 585 -25.65 22.39 4.55
N ALA A 586 -25.13 21.61 5.50
CA ALA A 586 -25.78 21.46 6.80
C ALA A 586 -25.88 22.78 7.53
N VAL A 587 -24.81 23.60 7.50
CA VAL A 587 -24.85 24.90 8.14
C VAL A 587 -25.92 25.78 7.50
N ASP A 588 -26.04 25.75 6.18
CA ASP A 588 -27.09 26.50 5.52
C ASP A 588 -28.48 25.95 5.86
N ALA A 589 -28.61 24.64 5.98
CA ALA A 589 -29.89 24.05 6.39
C ALA A 589 -30.27 24.47 7.81
N LEU A 590 -29.30 24.61 8.70
CA LEU A 590 -29.56 25.04 10.06
C LEU A 590 -30.30 26.37 10.04
N LYS A 591 -29.91 27.27 9.15
CA LYS A 591 -30.57 28.57 9.07
C LYS A 591 -32.00 28.43 8.55
N VAL A 592 -32.24 27.59 7.54
CA VAL A 592 -33.61 27.33 7.07
C VAL A 592 -34.44 26.77 8.22
N LEU A 593 -33.88 25.83 8.97
CA LEU A 593 -34.61 25.20 10.06
C LEU A 593 -34.97 26.20 11.14
N GLU A 594 -34.09 27.15 11.42
CA GLU A 594 -34.41 28.16 12.41
C GLU A 594 -35.69 28.90 12.05
N GLY A 595 -35.91 29.16 10.76
CA GLY A 595 -37.13 29.82 10.31
C GLY A 595 -38.37 28.95 10.43
N GLN A 596 -38.19 27.64 10.54
CA GLN A 596 -39.24 26.66 10.78
C GLN A 596 -39.41 26.36 12.27
N GLY A 597 -38.66 27.05 13.14
CA GLY A 597 -38.74 26.81 14.57
C GLY A 597 -38.02 25.57 15.06
N ILE A 598 -37.04 25.09 14.31
CA ILE A 598 -36.27 23.91 14.66
C ILE A 598 -34.83 24.32 14.89
N LYS A 599 -34.28 23.95 16.05
CA LYS A 599 -32.91 24.25 16.41
C LYS A 599 -32.02 23.04 16.10
N ALA A 600 -31.00 23.24 15.28
CA ALA A 600 -30.10 22.17 14.93
C ALA A 600 -28.68 22.46 15.39
N GLY A 601 -27.97 21.39 15.72
CA GLY A 601 -26.53 21.42 15.80
C GLY A 601 -25.91 20.79 14.56
N VAL A 602 -24.61 21.04 14.35
CA VAL A 602 -23.87 20.45 13.23
C VAL A 602 -22.62 19.78 13.75
N VAL A 603 -22.39 18.55 13.30
CA VAL A 603 -21.16 17.82 13.52
C VAL A 603 -20.48 17.63 12.17
N SER A 604 -19.17 17.88 12.14
CA SER A 604 -18.36 17.55 10.98
C SER A 604 -17.58 16.29 11.31
N LEU A 605 -17.59 15.33 10.37
CA LEU A 605 -16.99 14.01 10.58
C LEU A 605 -15.96 13.75 9.48
N PRO A 606 -14.86 14.53 9.45
CA PRO A 606 -13.91 14.37 8.34
C PRO A 606 -13.24 13.01 8.24
N ASP A 607 -13.04 12.26 9.33
CA ASP A 607 -12.55 10.89 9.20
C ASP A 607 -13.23 10.00 10.23
N GLN A 608 -14.02 9.05 9.73
CA GLN A 608 -14.70 8.11 10.61
C GLN A 608 -13.74 7.23 11.40
N LEU A 609 -12.63 6.80 10.80
CA LEU A 609 -11.71 5.92 11.52
C LEU A 609 -11.08 6.66 12.70
N THR A 610 -10.55 7.85 12.44
CA THR A 610 -9.96 8.65 13.52
C THR A 610 -11.00 8.90 14.60
N PHE A 611 -12.23 9.25 14.21
CA PHE A 611 -13.27 9.48 15.21
C PHE A 611 -13.49 8.23 16.04
N ASP A 612 -13.61 7.09 15.40
CA ASP A 612 -13.88 5.84 16.11
C ASP A 612 -12.83 5.56 17.16
N LYS A 613 -11.58 5.97 16.91
CA LYS A 613 -10.48 5.71 17.83
C LYS A 613 -10.47 6.65 19.03
N GLN A 614 -11.29 7.69 19.05
CA GLN A 614 -11.35 8.57 20.20
C GLN A 614 -12.03 7.88 21.38
N SER A 615 -11.92 8.49 22.56
CA SER A 615 -12.54 7.90 23.73
C SER A 615 -14.05 7.87 23.60
N GLU A 616 -14.68 6.93 24.30
CA GLU A 616 -16.13 6.83 24.29
C GLU A 616 -16.76 8.13 24.76
N GLU A 617 -16.18 8.75 25.80
CA GLU A 617 -16.73 9.99 26.31
C GLU A 617 -16.62 11.11 25.28
N TYR A 618 -15.48 11.22 24.58
CA TYR A 618 -15.38 12.23 23.53
C TYR A 618 -16.43 11.99 22.46
N LYS A 619 -16.55 10.74 22.01
CA LYS A 619 -17.49 10.46 20.93
C LYS A 619 -18.91 10.80 21.33
N LEU A 620 -19.30 10.48 22.57
CA LEU A 620 -20.64 10.81 23.06
C LEU A 620 -20.84 12.32 23.20
N SER A 621 -19.76 13.09 23.42
CA SER A 621 -19.90 14.55 23.46
C SER A 621 -20.26 15.10 22.09
N VAL A 622 -19.89 14.38 21.03
CA VAL A 622 -20.19 14.77 19.67
C VAL A 622 -21.55 14.25 19.22
N LEU A 623 -21.86 13.01 19.59
CA LEU A 623 -23.11 12.34 19.20
C LEU A 623 -23.81 11.90 20.49
N PRO A 624 -24.45 12.82 21.20
CA PRO A 624 -25.02 12.49 22.51
C PRO A 624 -26.30 11.70 22.39
N ASP A 625 -26.73 11.14 23.52
CA ASP A 625 -28.06 10.58 23.68
C ASP A 625 -29.10 11.71 23.66
N GLY A 626 -30.35 11.33 23.40
CA GLY A 626 -31.47 12.21 23.63
C GLY A 626 -31.80 13.17 22.51
N VAL A 627 -31.22 12.98 21.32
CA VAL A 627 -31.49 13.89 20.22
C VAL A 627 -31.38 13.12 18.91
N PRO A 628 -32.34 13.27 18.01
CA PRO A 628 -32.19 12.61 16.70
C PRO A 628 -31.01 13.16 15.94
N ILE A 629 -30.37 12.28 15.19
CA ILE A 629 -29.19 12.65 14.39
C ILE A 629 -29.44 12.23 12.95
N LEU A 630 -29.26 13.18 12.03
CA LEU A 630 -29.41 12.97 10.59
C LEU A 630 -28.05 13.12 9.94
N SER A 631 -27.62 12.13 9.14
CA SER A 631 -26.41 12.28 8.35
C SER A 631 -26.73 12.84 6.97
N VAL A 632 -25.76 13.60 6.42
CA VAL A 632 -25.86 14.16 5.08
C VAL A 632 -24.51 14.01 4.41
N GLU A 633 -24.48 13.26 3.31
CA GLU A 633 -23.28 13.05 2.50
C GLU A 633 -23.78 12.57 1.14
N VAL A 634 -23.29 13.16 0.06
CA VAL A 634 -23.90 12.94 -1.26
CA VAL A 634 -23.84 13.00 -1.26
C VAL A 634 -23.35 11.69 -1.95
N MET A 635 -23.39 10.59 -1.21
CA MET A 635 -22.89 9.28 -1.63
CA MET A 635 -22.99 9.28 -1.73
C MET A 635 -23.66 8.24 -0.84
N SER A 636 -23.23 6.98 -0.94
CA SER A 636 -23.94 5.89 -0.28
C SER A 636 -24.21 6.17 1.19
N THR A 637 -25.37 5.73 1.66
CA THR A 637 -25.66 5.79 3.08
C THR A 637 -25.04 4.64 3.88
N PHE A 638 -24.36 3.69 3.26
CA PHE A 638 -23.78 2.60 4.02
C PHE A 638 -22.76 3.13 5.04
N GLY A 639 -22.78 2.53 6.23
CA GLY A 639 -21.92 2.93 7.33
C GLY A 639 -22.48 4.02 8.21
N TRP A 640 -23.36 4.86 7.66
CA TRP A 640 -23.73 6.08 8.35
C TRP A 640 -24.59 5.82 9.57
N SER A 641 -25.27 4.67 9.67
CA SER A 641 -26.02 4.34 10.85
C SER A 641 -25.14 4.17 12.08
N LYS A 642 -23.81 4.05 11.92
CA LYS A 642 -22.93 4.08 13.09
C LYS A 642 -23.06 5.39 13.85
N TYR A 643 -23.44 6.47 13.14
CA TYR A 643 -23.32 7.84 13.64
C TYR A 643 -24.64 8.59 13.62
N SER A 644 -25.70 8.00 13.08
CA SER A 644 -26.95 8.72 12.84
C SER A 644 -28.13 7.77 12.96
N HIS A 645 -29.29 8.36 13.21
CA HIS A 645 -30.56 7.64 13.20
C HIS A 645 -31.19 7.57 11.82
N GLN A 646 -31.08 8.64 11.06
CA GLN A 646 -31.60 8.73 9.70
C GLN A 646 -30.46 9.21 8.81
N GLN A 647 -30.51 8.82 7.53
CA GLN A 647 -29.43 9.10 6.59
C GLN A 647 -29.99 9.69 5.32
N PHE A 648 -29.48 10.86 4.93
CA PHE A 648 -29.76 11.46 3.63
C PHE A 648 -28.50 11.31 2.80
N GLY A 649 -28.56 10.41 1.83
CA GLY A 649 -27.45 10.17 0.95
C GLY A 649 -27.93 9.98 -0.47
N LEU A 650 -27.02 9.52 -1.32
CA LEU A 650 -27.27 9.30 -2.74
C LEU A 650 -26.91 7.85 -3.02
N ASN A 651 -27.94 7.03 -3.28
CA ASN A 651 -27.81 5.59 -3.46
C ASN A 651 -28.15 5.16 -4.88
N ARG A 652 -28.05 6.09 -5.82
CA ARG A 652 -28.23 5.85 -7.25
C ARG A 652 -27.06 6.52 -7.94
N PHE A 653 -26.84 6.17 -9.22
CA PHE A 653 -25.79 6.80 -9.98
C PHE A 653 -26.12 8.26 -10.25
N GLY A 654 -25.09 9.02 -10.65
CA GLY A 654 -25.23 10.44 -10.85
C GLY A 654 -25.76 10.83 -12.20
N ALA A 655 -25.26 11.94 -12.73
CA ALA A 655 -25.82 12.55 -13.92
C ALA A 655 -24.78 13.47 -14.53
N SER A 656 -24.89 13.71 -15.83
CA SER A 656 -23.99 14.62 -16.52
C SER A 656 -24.66 15.98 -16.68
N GLY A 657 -24.15 16.97 -15.96
CA GLY A 657 -24.66 18.33 -16.04
C GLY A 657 -23.83 19.22 -15.13
N LYS A 658 -24.18 20.51 -15.12
CA LYS A 658 -23.51 21.43 -14.21
C LYS A 658 -23.79 21.02 -12.77
N ALA A 659 -22.75 20.98 -11.96
CA ALA A 659 -22.90 20.42 -10.61
C ALA A 659 -24.03 21.03 -9.80
N PRO A 660 -24.21 22.36 -9.75
CA PRO A 660 -25.31 22.88 -8.92
C PRO A 660 -26.66 22.35 -9.34
N GLU A 661 -26.86 22.08 -10.62
CA GLU A 661 -28.12 21.54 -11.10
C GLU A 661 -28.30 20.09 -10.65
N ILE A 662 -27.21 19.34 -10.54
CA ILE A 662 -27.31 17.97 -10.06
C ILE A 662 -27.67 17.96 -8.58
N PHE A 663 -27.04 18.83 -7.78
CA PHE A 663 -27.41 18.92 -6.37
C PHE A 663 -28.87 19.27 -6.21
N LYS A 664 -29.36 20.21 -7.03
CA LYS A 664 -30.77 20.57 -6.97
C LYS A 664 -31.66 19.40 -7.35
N LEU A 665 -31.29 18.66 -8.40
CA LEU A 665 -32.08 17.52 -8.83
C LEU A 665 -32.29 16.52 -7.70
N PHE A 666 -31.23 16.24 -6.94
CA PHE A 666 -31.28 15.25 -5.89
C PHE A 666 -31.66 15.85 -4.53
N GLU A 667 -32.00 17.13 -4.50
CA GLU A 667 -32.50 17.82 -3.30
C GLU A 667 -31.45 17.97 -2.22
N PHE A 668 -30.17 17.95 -2.60
CA PHE A 668 -29.07 18.30 -1.70
C PHE A 668 -28.93 19.82 -1.73
N THR A 669 -29.92 20.45 -1.12
CA THR A 669 -30.06 21.90 -1.02
C THR A 669 -30.40 22.21 0.43
N PRO A 670 -30.23 23.47 0.85
CA PRO A 670 -30.59 23.79 2.23
C PRO A 670 -32.03 23.43 2.56
N GLU A 671 -32.95 23.67 1.61
CA GLU A 671 -34.35 23.34 1.83
C GLU A 671 -34.59 21.84 1.84
N GLY A 672 -33.89 21.08 0.98
CA GLY A 672 -34.07 19.63 0.95
C GLY A 672 -33.56 18.98 2.22
N VAL A 673 -32.42 19.46 2.72
CA VAL A 673 -31.90 18.96 3.99
C VAL A 673 -32.84 19.34 5.12
N ALA A 674 -33.30 20.60 5.13
CA ALA A 674 -34.21 21.02 6.19
C ALA A 674 -35.49 20.20 6.20
N GLU A 675 -36.02 19.89 5.01
CA GLU A 675 -37.25 19.11 4.96
C GLU A 675 -37.04 17.75 5.62
N ARG A 676 -35.93 17.10 5.32
CA ARG A 676 -35.65 15.79 5.88
C ARG A 676 -35.32 15.87 7.37
N ALA A 677 -34.68 16.95 7.78
CA ALA A 677 -34.45 17.18 9.21
C ALA A 677 -35.78 17.35 9.95
N ALA A 678 -36.70 18.14 9.38
CA ALA A 678 -37.99 18.32 10.03
C ALA A 678 -38.76 17.00 10.10
N LYS A 679 -38.69 16.21 9.04
CA LYS A 679 -39.34 14.89 9.07
C LYS A 679 -38.71 13.99 10.12
N THR A 680 -37.39 14.11 10.30
CA THR A 680 -36.70 13.32 11.32
C THR A 680 -37.16 13.72 12.71
N VAL A 681 -37.23 15.02 12.99
CA VAL A 681 -37.75 15.49 14.28
C VAL A 681 -39.15 14.92 14.51
N ALA A 682 -40.01 14.99 13.48
CA ALA A 682 -41.38 14.50 13.59
C ALA A 682 -41.43 13.00 13.88
N PHE A 683 -40.55 12.24 13.21
CA PHE A 683 -40.55 10.79 13.32
C PHE A 683 -40.20 10.34 14.73
N TYR A 684 -39.40 11.12 15.45
CA TYR A 684 -38.99 10.75 16.79
C TYR A 684 -39.82 11.41 17.88
N LYS A 685 -40.85 12.17 17.53
CA LYS A 685 -41.75 12.68 18.55
C LYS A 685 -42.37 11.56 19.36
N GLY A 686 -42.29 11.68 20.68
CA GLY A 686 -42.81 10.65 21.57
C GLY A 686 -41.92 9.45 21.74
N LYS A 687 -40.74 9.42 21.13
CA LYS A 687 -39.83 8.30 21.24
C LYS A 687 -38.65 8.67 22.13
N ASP A 688 -38.06 7.66 22.76
CA ASP A 688 -36.82 7.83 23.51
C ASP A 688 -35.67 7.51 22.58
N VAL A 689 -34.74 8.44 22.42
CA VAL A 689 -33.66 8.37 21.44
C VAL A 689 -32.35 8.25 22.18
N VAL A 690 -31.54 7.24 21.85
CA VAL A 690 -30.19 7.14 22.40
C VAL A 690 -29.18 7.27 21.28
N SER A 691 -27.96 7.59 21.66
CA SER A 691 -26.94 7.83 20.65
C SER A 691 -26.81 6.63 19.73
N PRO A 692 -26.56 6.87 18.43
CA PRO A 692 -26.19 5.79 17.53
C PRO A 692 -24.94 5.05 17.98
N LEU A 693 -24.13 5.67 18.84
CA LEU A 693 -22.92 5.02 19.34
C LEU A 693 -23.22 3.91 20.33
N ARG A 694 -24.42 3.87 20.90
CA ARG A 694 -24.75 2.80 21.83
C ARG A 694 -24.96 1.50 21.08
N SER A 695 -24.69 0.38 21.75
CA SER A 695 -24.97 -0.90 21.14
C SER A 695 -25.17 -1.94 22.22
N ALA A 696 -25.74 -3.06 21.81
CA ALA A 696 -26.06 -4.12 22.74
C ALA A 696 -24.85 -4.97 23.11
N PHE A 697 -23.82 -4.97 22.28
CA PHE A 697 -22.64 -5.79 22.49
C PHE A 697 -21.51 -5.21 21.66
#